data_8NSE
#
_entry.id   8NSE
#
_cell.length_a   58.310
_cell.length_b   105.780
_cell.length_c   156.610
_cell.angle_alpha   90.00
_cell.angle_beta   90.00
_cell.angle_gamma   90.00
#
_symmetry.space_group_name_H-M   'P 21 21 21'
#
loop_
_entity.id
_entity.type
_entity.pdbx_description
1 polymer 'PROTEIN (NITRIC OXIDE SYNTHASE)'
2 non-polymer 'ZINC ION'
3 non-polymer 'PROTOPORPHYRIN IX CONTAINING FE'
4 non-polymer 5,6,7,8-TETRAHYDROBIOPTERIN
5 non-polymer N-OMEGA-NITRO-L-ARGININE
6 non-polymer 'CACODYLIC ACID'
7 non-polymer GLYCEROL
8 water water
#
_entity_poly.entity_id   1
_entity_poly.type   'polypeptide(L)'
_entity_poly.pdbx_seq_one_letter_code
;SRAPAPATPHAPDHSPAPNSPTLTRPPEGPKFPRVKNWELGSITYDTLCAQSQQDGPCTPRRCLGSLVLPRKLQTRPSPG
PPPAEQLLSQARDFINQYYSSIKRSGSQAHEERLQEVEAEVASTGTYHLRESELVFGAKQAWRNAPRCVGRIQWGKLQVF
DARDCSSAQEMFTYICNHIKYATNRGNLRSAITVFPQRAPGRGDFRIWNSQLVRYAGYRQQDGSVRGDPANVEITELCIQ
HGWTPGNGRFDVLPLLLQAPDEAPELFVLPPELVLEVPLEHPTLEWFAALGLRWYALPAVSNMLLEIGGLEFSAAPFSGW
YMSTEIGTRNLCDPHRYNILEDVAVCMDLDTRTTSSLWKDKAAVEINLAVLHSFQLAKVTIVDHHAATVSFMKHLDNEQK
ARGGCPADWAWIVPPISGSLTPVFHQEMVNYILSPAFRYQPDPW
;
_entity_poly.pdbx_strand_id   A,B
#
loop_
_chem_comp.id
_chem_comp.type
_chem_comp.name
_chem_comp.formula
CAD non-polymer 'CACODYLIC ACID' 'C2 H7 As O2'
GOL non-polymer GLYCEROL 'C3 H8 O3'
H4B non-polymer 5,6,7,8-TETRAHYDROBIOPTERIN 'C9 H15 N5 O3'
HEM non-polymer 'PROTOPORPHYRIN IX CONTAINING FE' 'C34 H32 Fe N4 O4'
ZN non-polymer 'ZINC ION' 'Zn 2'
#
# COMPACT_ATOMS: atom_id res chain seq x y z
N GLY A 29 17.87 8.08 -17.63
CA GLY A 29 17.71 8.76 -18.95
C GLY A 29 16.48 9.66 -19.02
N PRO A 30 15.29 9.11 -19.32
CA PRO A 30 14.03 9.86 -19.43
C PRO A 30 13.67 10.76 -18.25
N LYS A 31 13.03 11.88 -18.57
CA LYS A 31 12.60 12.88 -17.59
C LYS A 31 11.19 12.58 -17.06
N PHE A 32 10.88 11.29 -16.86
CA PHE A 32 9.59 10.89 -16.35
C PHE A 32 9.79 9.80 -15.32
N PRO A 33 8.78 9.58 -14.46
CA PRO A 33 8.92 8.54 -13.45
C PRO A 33 9.29 7.20 -14.09
N ARG A 34 10.31 6.57 -13.54
CA ARG A 34 10.74 5.26 -14.01
C ARG A 34 9.98 4.30 -13.09
N VAL A 35 9.27 3.35 -13.70
CA VAL A 35 8.45 2.39 -12.96
C VAL A 35 8.93 0.95 -13.20
N LYS A 36 9.06 0.17 -12.13
CA LYS A 36 9.53 -1.21 -12.23
C LYS A 36 8.59 -2.25 -11.62
N ASN A 37 8.60 -3.44 -12.22
CA ASN A 37 7.80 -4.55 -11.73
C ASN A 37 8.86 -5.48 -11.20
N TRP A 38 8.91 -5.68 -9.89
CA TRP A 38 9.93 -6.51 -9.27
C TRP A 38 9.79 -7.99 -9.47
N GLU A 39 8.66 -8.41 -10.01
CA GLU A 39 8.46 -9.84 -10.23
C GLU A 39 9.13 -10.27 -11.51
N LEU A 40 8.86 -9.51 -12.57
CA LEU A 40 9.40 -9.80 -13.90
C LEU A 40 10.63 -8.97 -14.22
N GLY A 41 10.96 -8.04 -13.34
CA GLY A 41 12.12 -7.21 -13.55
C GLY A 41 12.03 -6.21 -14.69
N SER A 42 10.84 -6.05 -15.28
CA SER A 42 10.66 -5.10 -16.38
C SER A 42 10.52 -3.63 -15.94
N ILE A 43 10.82 -2.73 -16.86
CA ILE A 43 10.79 -1.29 -16.61
C ILE A 43 9.90 -0.56 -17.63
N THR A 44 9.29 0.53 -17.17
CA THR A 44 8.46 1.38 -18.01
C THR A 44 8.61 2.81 -17.51
N TYR A 45 8.28 3.76 -18.36
CA TYR A 45 8.33 5.16 -17.99
C TYR A 45 6.95 5.72 -18.20
N ASP A 46 6.50 6.49 -17.21
CA ASP A 46 5.18 7.08 -17.25
C ASP A 46 5.27 8.52 -17.73
N THR A 47 4.81 8.77 -18.95
CA THR A 47 4.82 10.10 -19.54
C THR A 47 3.43 10.73 -19.46
N LEU A 48 2.44 9.90 -19.13
CA LEU A 48 1.04 10.34 -19.05
C LEU A 48 0.79 11.31 -17.88
N CYS A 49 1.58 11.18 -16.81
CA CYS A 49 1.42 12.03 -15.63
C CYS A 49 1.74 13.50 -15.94
N ALA A 50 2.51 13.74 -16.99
CA ALA A 50 2.86 15.09 -17.38
C ALA A 50 1.61 15.80 -17.90
N GLN A 51 0.56 15.02 -18.11
CA GLN A 51 -0.70 15.52 -18.62
C GLN A 51 -1.68 15.89 -17.51
N SER A 52 -1.27 15.66 -16.27
CA SER A 52 -2.10 15.99 -15.11
C SER A 52 -2.05 17.50 -14.90
N GLN A 53 -3.21 18.14 -14.79
CA GLN A 53 -3.26 19.58 -14.56
C GLN A 53 -3.92 19.86 -13.21
N GLN A 54 -3.65 19.00 -12.23
CA GLN A 54 -4.22 19.16 -10.90
C GLN A 54 -3.43 18.43 -9.82
N ASP A 55 -2.71 19.21 -9.02
CA ASP A 55 -1.89 18.70 -7.93
C ASP A 55 -2.64 17.82 -6.94
N GLY A 56 -1.90 16.89 -6.33
CA GLY A 56 -2.48 15.99 -5.35
C GLY A 56 -2.04 16.42 -3.96
N PRO A 57 -2.04 15.52 -2.98
CA PRO A 57 -1.64 15.83 -1.60
C PRO A 57 -0.14 15.75 -1.24
N CYS A 58 0.66 15.10 -2.06
CA CYS A 58 2.08 14.98 -1.74
C CYS A 58 2.91 16.23 -2.04
N THR A 59 4.12 16.25 -1.50
CA THR A 59 5.09 17.32 -1.66
C THR A 59 6.46 16.68 -1.51
N PRO A 60 7.52 17.33 -1.99
CA PRO A 60 8.85 16.73 -1.85
C PRO A 60 9.16 16.43 -0.39
N ARG A 61 8.53 17.19 0.50
CA ARG A 61 8.75 17.04 1.93
C ARG A 61 8.15 15.77 2.51
N ARG A 62 6.87 15.55 2.28
CA ARG A 62 6.22 14.36 2.79
C ARG A 62 5.16 13.78 1.86
N CYS A 63 5.02 12.46 1.90
CA CYS A 63 4.05 11.75 1.07
C CYS A 63 2.79 11.43 1.86
N LEU A 64 1.64 11.84 1.34
CA LEU A 64 0.38 11.57 2.00
C LEU A 64 -0.46 10.62 1.14
N GLY A 65 0.25 9.71 0.47
CA GLY A 65 -0.41 8.77 -0.43
C GLY A 65 -1.28 7.71 0.19
N SER A 66 -1.26 7.57 1.52
CA SER A 66 -2.07 6.54 2.17
C SER A 66 -3.35 7.13 2.75
N LEU A 67 -3.52 8.44 2.62
CA LEU A 67 -4.73 9.08 3.13
C LEU A 67 -5.88 8.83 2.17
N VAL A 68 -7.02 8.44 2.74
CA VAL A 68 -8.22 8.16 1.98
C VAL A 68 -8.82 9.42 1.35
N LEU A 69 -8.95 10.46 2.17
CA LEU A 69 -9.56 11.68 1.69
C LEU A 69 -8.77 12.95 1.90
N PRO A 70 -7.63 13.11 1.23
CA PRO A 70 -6.91 14.38 1.44
C PRO A 70 -7.65 15.46 0.64
N ARG A 71 -7.83 16.65 1.20
CA ARG A 71 -8.54 17.70 0.47
C ARG A 71 -7.84 18.16 -0.80
N LYS A 72 -8.12 17.48 -1.93
CA LYS A 72 -7.51 17.83 -3.21
C LYS A 72 -8.53 17.82 -4.36
N LEU A 73 -9.05 16.64 -4.69
CA LEU A 73 -10.04 16.55 -5.77
C LEU A 73 -11.33 17.21 -5.28
N GLN A 74 -11.58 17.07 -3.98
CA GLN A 74 -12.75 17.62 -3.28
C GLN A 74 -13.30 18.91 -3.87
N THR A 75 -14.61 18.95 -4.09
CA THR A 75 -15.26 20.13 -4.67
C THR A 75 -16.22 20.82 -3.71
N ARG A 76 -15.68 21.63 -2.79
CA ARG A 76 -16.53 22.35 -1.85
C ARG A 76 -17.52 23.17 -2.70
N PRO A 77 -18.83 23.03 -2.41
CA PRO A 77 -19.89 23.74 -3.14
C PRO A 77 -19.61 25.18 -3.54
N SER A 78 -19.17 25.36 -4.79
CA SER A 78 -18.88 26.69 -5.31
C SER A 78 -20.22 27.43 -5.37
N PRO A 79 -20.29 28.66 -4.85
CA PRO A 79 -21.56 29.38 -4.91
C PRO A 79 -22.08 29.52 -6.34
N GLY A 80 -21.19 29.91 -7.26
CA GLY A 80 -21.58 30.08 -8.66
C GLY A 80 -20.67 29.42 -9.68
N PRO A 81 -20.84 29.76 -10.97
CA PRO A 81 -20.05 29.22 -12.09
C PRO A 81 -18.56 29.38 -11.89
N PRO A 82 -17.76 28.42 -12.38
CA PRO A 82 -16.31 28.58 -12.18
C PRO A 82 -15.85 29.88 -12.84
N PRO A 83 -14.66 30.37 -12.45
CA PRO A 83 -14.16 31.62 -13.03
C PRO A 83 -14.22 31.54 -14.55
N ALA A 84 -14.95 32.46 -15.15
CA ALA A 84 -15.12 32.50 -16.61
C ALA A 84 -13.90 31.97 -17.35
N GLU A 85 -12.71 32.44 -16.98
CA GLU A 85 -11.50 32.00 -17.64
C GLU A 85 -11.15 30.54 -17.33
N GLN A 86 -11.09 30.21 -16.04
CA GLN A 86 -10.76 28.84 -15.63
C GLN A 86 -11.62 27.78 -16.33
N LEU A 87 -12.94 27.96 -16.30
CA LEU A 87 -13.85 27.00 -16.92
C LEU A 87 -13.58 26.84 -18.41
N LEU A 88 -12.98 27.86 -19.03
CA LEU A 88 -12.68 27.82 -20.45
C LEU A 88 -11.54 26.87 -20.74
N SER A 89 -10.45 27.00 -19.99
CA SER A 89 -9.30 26.13 -20.18
C SER A 89 -9.72 24.67 -20.00
N GLN A 90 -10.39 24.35 -18.90
CA GLN A 90 -10.83 22.98 -18.64
C GLN A 90 -11.68 22.47 -19.80
N ALA A 91 -12.68 23.27 -20.18
CA ALA A 91 -13.57 22.92 -21.27
C ALA A 91 -12.84 22.72 -22.60
N ARG A 92 -11.89 23.62 -22.91
CA ARG A 92 -11.13 23.55 -24.15
C ARG A 92 -10.24 22.32 -24.20
N ASP A 93 -9.83 21.87 -23.01
CA ASP A 93 -8.97 20.71 -22.86
C ASP A 93 -9.78 19.44 -23.12
N PHE A 94 -10.96 19.35 -22.52
CA PHE A 94 -11.79 18.18 -22.72
C PHE A 94 -12.14 17.99 -24.18
N ILE A 95 -12.53 19.09 -24.83
CA ILE A 95 -12.88 19.05 -26.25
C ILE A 95 -11.71 18.51 -27.06
N ASN A 96 -10.50 18.99 -26.75
CA ASN A 96 -9.30 18.51 -27.45
C ASN A 96 -9.22 17.01 -27.26
N GLN A 97 -9.50 16.56 -26.03
CA GLN A 97 -9.48 15.15 -25.70
C GLN A 97 -10.49 14.38 -26.54
N TYR A 98 -11.69 14.94 -26.69
CA TYR A 98 -12.71 14.26 -27.46
C TYR A 98 -12.32 14.11 -28.92
N TYR A 99 -11.91 15.19 -29.55
CA TYR A 99 -11.56 15.08 -30.96
C TYR A 99 -10.38 14.18 -31.25
N SER A 100 -9.44 14.10 -30.32
CA SER A 100 -8.30 13.22 -30.53
C SER A 100 -8.72 11.76 -30.36
N SER A 101 -9.69 11.52 -29.48
CA SER A 101 -10.17 10.17 -29.24
C SER A 101 -10.84 9.68 -30.51
N ILE A 102 -11.34 10.63 -31.30
CA ILE A 102 -11.98 10.29 -32.56
C ILE A 102 -11.05 10.57 -33.74
N LYS A 103 -9.79 10.88 -33.45
CA LYS A 103 -8.79 11.14 -34.50
C LYS A 103 -9.11 12.29 -35.47
N ARG A 104 -9.67 13.38 -34.96
CA ARG A 104 -10.00 14.53 -35.81
C ARG A 104 -9.45 15.80 -35.22
N SER A 105 -8.43 15.66 -34.37
CA SER A 105 -7.78 16.77 -33.72
C SER A 105 -7.30 17.78 -34.78
N GLY A 106 -7.56 19.07 -34.54
CA GLY A 106 -7.16 20.10 -35.48
C GLY A 106 -8.07 20.27 -36.69
N SER A 107 -9.18 19.53 -36.72
CA SER A 107 -10.09 19.60 -37.85
C SER A 107 -11.07 20.77 -37.77
N GLN A 108 -11.76 21.01 -38.87
CA GLN A 108 -12.73 22.10 -38.95
C GLN A 108 -13.78 21.88 -37.88
N ALA A 109 -14.27 20.65 -37.76
CA ALA A 109 -15.28 20.34 -36.76
C ALA A 109 -14.75 20.64 -35.35
N HIS A 110 -13.53 20.18 -35.07
CA HIS A 110 -12.89 20.39 -33.76
C HIS A 110 -12.82 21.87 -33.41
N GLU A 111 -12.28 22.67 -34.32
CA GLU A 111 -12.13 24.10 -34.09
C GLU A 111 -13.48 24.80 -33.91
N GLU A 112 -14.51 24.33 -34.63
CA GLU A 112 -15.83 24.93 -34.51
C GLU A 112 -16.49 24.61 -33.18
N ARG A 113 -16.29 23.37 -32.72
CA ARG A 113 -16.85 22.96 -31.44
C ARG A 113 -16.18 23.81 -30.36
N LEU A 114 -14.93 24.19 -30.59
CA LEU A 114 -14.20 25.01 -29.65
C LEU A 114 -14.80 26.41 -29.61
N GLN A 115 -14.98 27.01 -30.79
CA GLN A 115 -15.56 28.34 -30.92
C GLN A 115 -16.91 28.34 -30.23
N GLU A 116 -17.65 27.25 -30.45
CA GLU A 116 -18.99 27.06 -29.89
C GLU A 116 -19.01 27.10 -28.37
N VAL A 117 -18.20 26.24 -27.76
CA VAL A 117 -18.10 26.15 -26.31
C VAL A 117 -17.77 27.51 -25.68
N GLU A 118 -16.78 28.20 -26.26
CA GLU A 118 -16.37 29.50 -25.75
C GLU A 118 -17.53 30.50 -25.78
N ALA A 119 -18.13 30.68 -26.95
CA ALA A 119 -19.25 31.58 -27.10
C ALA A 119 -20.31 31.33 -26.03
N GLU A 120 -20.63 30.06 -25.80
CA GLU A 120 -21.63 29.68 -24.81
C GLU A 120 -21.23 30.04 -23.38
N VAL A 121 -19.94 29.99 -23.08
CA VAL A 121 -19.50 30.36 -21.73
C VAL A 121 -19.50 31.87 -21.63
N ALA A 122 -19.23 32.53 -22.76
CA ALA A 122 -19.19 33.98 -22.84
C ALA A 122 -20.58 34.58 -22.69
N SER A 123 -21.62 33.85 -23.08
CA SER A 123 -22.97 34.37 -22.97
C SER A 123 -23.75 33.79 -21.78
N THR A 124 -23.78 32.48 -21.66
CA THR A 124 -24.49 31.85 -20.54
C THR A 124 -23.62 31.72 -19.29
N GLY A 125 -22.35 31.37 -19.48
CA GLY A 125 -21.44 31.22 -18.35
C GLY A 125 -21.06 29.77 -18.12
N THR A 126 -21.77 28.87 -18.79
CA THR A 126 -21.53 27.44 -18.69
C THR A 126 -21.52 26.91 -20.13
N TYR A 127 -21.93 25.66 -20.32
CA TYR A 127 -22.03 25.06 -21.66
C TYR A 127 -22.51 23.63 -21.52
N HIS A 128 -22.90 23.02 -22.62
CA HIS A 128 -23.41 21.65 -22.59
C HIS A 128 -22.64 20.70 -23.48
N LEU A 129 -22.73 19.40 -23.18
CA LEU A 129 -22.01 18.38 -23.94
C LEU A 129 -22.87 17.67 -24.96
N ARG A 130 -22.34 17.45 -26.16
CA ARG A 130 -23.12 16.74 -27.16
C ARG A 130 -23.21 15.31 -26.61
N GLU A 131 -24.17 14.52 -27.05
CA GLU A 131 -24.31 13.17 -26.54
C GLU A 131 -23.01 12.36 -26.52
N SER A 132 -22.40 12.18 -27.70
CA SER A 132 -21.17 11.41 -27.82
C SER A 132 -20.04 11.92 -26.93
N GLU A 133 -20.07 13.21 -26.60
CA GLU A 133 -19.03 13.76 -25.75
C GLU A 133 -19.24 13.28 -24.31
N LEU A 134 -20.49 13.09 -23.93
CA LEU A 134 -20.81 12.65 -22.57
C LEU A 134 -20.36 11.20 -22.42
N VAL A 135 -20.75 10.35 -23.37
CA VAL A 135 -20.37 8.95 -23.34
C VAL A 135 -18.84 8.87 -23.26
N PHE A 136 -18.17 9.66 -24.09
CA PHE A 136 -16.73 9.66 -24.08
C PHE A 136 -16.19 10.02 -22.69
N GLY A 137 -16.57 11.19 -22.21
CA GLY A 137 -16.12 11.65 -20.90
C GLY A 137 -16.36 10.68 -19.77
N ALA A 138 -17.55 10.08 -19.75
CA ALA A 138 -17.89 9.13 -18.71
C ALA A 138 -16.85 8.02 -18.71
N LYS A 139 -16.63 7.41 -19.87
CA LYS A 139 -15.66 6.33 -20.01
C LYS A 139 -14.26 6.77 -19.61
N GLN A 140 -13.87 7.99 -19.96
CA GLN A 140 -12.55 8.49 -19.60
C GLN A 140 -12.46 8.48 -18.10
N ALA A 141 -13.44 9.12 -17.46
CA ALA A 141 -13.48 9.23 -16.01
C ALA A 141 -13.19 7.91 -15.33
N TRP A 142 -13.83 6.85 -15.82
CA TRP A 142 -13.63 5.52 -15.26
C TRP A 142 -12.20 5.12 -15.55
N ARG A 143 -11.84 5.28 -16.82
CA ARG A 143 -10.50 4.96 -17.29
C ARG A 143 -9.43 5.64 -16.43
N ASN A 144 -9.72 6.84 -15.97
CA ASN A 144 -8.77 7.60 -15.16
C ASN A 144 -8.81 7.31 -13.66
N ALA A 145 -9.83 6.60 -13.20
CA ALA A 145 -9.99 6.31 -11.76
C ALA A 145 -8.80 5.53 -11.20
N PRO A 146 -7.95 6.21 -10.41
CA PRO A 146 -6.76 5.57 -9.82
C PRO A 146 -7.03 4.47 -8.83
N ARG A 147 -8.25 4.39 -8.31
CA ARG A 147 -8.55 3.38 -7.31
C ARG A 147 -9.34 2.17 -7.76
N CYS A 148 -9.70 2.14 -9.04
CA CYS A 148 -10.48 1.05 -9.63
C CYS A 148 -9.59 -0.03 -10.27
N VAL A 149 -9.70 -1.26 -9.78
CA VAL A 149 -8.90 -2.36 -10.31
C VAL A 149 -9.54 -3.08 -11.50
N GLY A 150 -10.79 -2.77 -11.83
CA GLY A 150 -11.43 -3.44 -12.96
C GLY A 150 -11.46 -2.60 -14.23
N ARG A 151 -10.53 -1.65 -14.36
CA ARG A 151 -10.51 -0.76 -15.52
C ARG A 151 -10.26 -1.40 -16.88
N ILE A 152 -9.92 -2.68 -16.91
CA ILE A 152 -9.71 -3.36 -18.19
C ILE A 152 -11.02 -3.34 -18.98
N GLN A 153 -12.12 -3.08 -18.29
CA GLN A 153 -13.46 -3.03 -18.91
C GLN A 153 -13.93 -1.60 -19.16
N TRP A 154 -13.03 -0.61 -19.05
CA TRP A 154 -13.42 0.79 -19.25
C TRP A 154 -14.07 1.14 -20.59
N GLY A 155 -13.79 0.37 -21.64
CA GLY A 155 -14.37 0.67 -22.93
C GLY A 155 -15.77 0.12 -23.09
N LYS A 156 -16.17 -0.76 -22.18
CA LYS A 156 -17.48 -1.34 -22.24
C LYS A 156 -18.33 -0.82 -21.08
N LEU A 157 -19.03 0.28 -21.33
CA LEU A 157 -19.85 0.92 -20.32
C LEU A 157 -21.14 1.48 -20.92
N GLN A 158 -22.28 1.09 -20.38
CA GLN A 158 -23.57 1.57 -20.86
C GLN A 158 -23.88 2.92 -20.20
N VAL A 159 -23.92 3.97 -21.01
CA VAL A 159 -24.18 5.31 -20.53
C VAL A 159 -25.61 5.77 -20.80
N PHE A 160 -26.43 5.77 -19.77
CA PHE A 160 -27.81 6.21 -19.88
C PHE A 160 -27.83 7.71 -19.63
N ASP A 161 -28.05 8.49 -20.68
CA ASP A 161 -28.11 9.93 -20.50
C ASP A 161 -29.42 10.13 -19.75
N ALA A 162 -29.43 11.06 -18.80
CA ALA A 162 -30.62 11.35 -18.02
C ALA A 162 -30.57 12.80 -17.62
N ARG A 163 -29.95 13.61 -18.48
CA ARG A 163 -29.82 15.03 -18.26
C ARG A 163 -31.14 15.78 -18.49
N ASP A 164 -32.18 15.05 -18.90
CA ASP A 164 -33.49 15.66 -19.12
C ASP A 164 -34.29 15.63 -17.80
N CYS A 165 -33.95 14.66 -16.95
CA CYS A 165 -34.59 14.46 -15.65
C CYS A 165 -34.92 15.79 -14.96
N SER A 166 -36.11 15.88 -14.40
CA SER A 166 -36.52 17.12 -13.74
C SER A 166 -37.25 16.95 -12.41
N SER A 167 -37.18 15.76 -11.82
CA SER A 167 -37.84 15.55 -10.53
C SER A 167 -37.23 14.42 -9.71
N ALA A 168 -37.45 14.46 -8.41
CA ALA A 168 -36.93 13.43 -7.51
C ALA A 168 -37.65 12.13 -7.83
N GLN A 169 -38.88 12.25 -8.35
CA GLN A 169 -39.66 11.09 -8.71
C GLN A 169 -39.05 10.53 -9.99
N GLU A 170 -38.72 11.42 -10.91
CA GLU A 170 -38.13 11.00 -12.16
C GLU A 170 -36.77 10.36 -11.91
N MET A 171 -36.02 10.90 -10.97
CA MET A 171 -34.71 10.36 -10.61
C MET A 171 -34.87 8.91 -10.20
N PHE A 172 -35.98 8.62 -9.52
CA PHE A 172 -36.24 7.28 -9.04
C PHE A 172 -36.51 6.30 -10.18
N THR A 173 -37.12 6.79 -11.25
CA THR A 173 -37.42 5.92 -12.38
C THR A 173 -36.14 5.52 -13.11
N TYR A 174 -35.27 6.49 -13.35
CA TYR A 174 -34.00 6.22 -14.02
C TYR A 174 -33.18 5.21 -13.23
N ILE A 175 -33.06 5.45 -11.93
CA ILE A 175 -32.29 4.58 -11.05
C ILE A 175 -32.81 3.15 -11.10
N CYS A 176 -34.13 3.00 -11.16
CA CYS A 176 -34.76 1.69 -11.20
C CYS A 176 -34.45 1.01 -12.53
N ASN A 177 -34.45 1.78 -13.61
CA ASN A 177 -34.15 1.24 -14.92
C ASN A 177 -32.68 0.79 -14.94
N HIS A 178 -31.83 1.57 -14.30
CA HIS A 178 -30.40 1.27 -14.23
C HIS A 178 -30.20 -0.09 -13.59
N ILE A 179 -30.76 -0.25 -12.39
CA ILE A 179 -30.65 -1.49 -11.64
C ILE A 179 -31.24 -2.64 -12.43
N LYS A 180 -32.28 -2.34 -13.19
CA LYS A 180 -32.93 -3.34 -14.03
C LYS A 180 -31.94 -3.81 -15.09
N TYR A 181 -31.39 -2.83 -15.82
CA TYR A 181 -30.45 -3.11 -16.88
C TYR A 181 -29.08 -3.59 -16.39
N ALA A 182 -28.58 -2.99 -15.32
CA ALA A 182 -27.28 -3.38 -14.77
C ALA A 182 -27.27 -4.77 -14.14
N THR A 183 -28.31 -5.10 -13.38
CA THR A 183 -28.41 -6.40 -12.72
C THR A 183 -28.55 -7.50 -13.77
N ASN A 184 -29.45 -7.28 -14.71
CA ASN A 184 -29.65 -8.20 -15.82
C ASN A 184 -29.77 -9.66 -15.40
N ARG A 185 -30.51 -9.89 -14.31
CA ARG A 185 -30.76 -11.23 -13.78
C ARG A 185 -29.51 -12.08 -13.51
N GLY A 186 -28.47 -11.48 -12.92
CA GLY A 186 -27.26 -12.24 -12.63
C GLY A 186 -26.05 -11.90 -13.49
N ASN A 187 -26.27 -11.74 -14.80
CA ASN A 187 -25.19 -11.40 -15.72
C ASN A 187 -25.07 -9.88 -15.77
N LEU A 188 -24.38 -9.33 -14.78
CA LEU A 188 -24.20 -7.90 -14.65
C LEU A 188 -23.52 -7.21 -15.83
N ARG A 189 -23.99 -5.99 -16.11
CA ARG A 189 -23.48 -5.16 -17.18
C ARG A 189 -23.13 -3.80 -16.60
N SER A 190 -21.91 -3.35 -16.86
CA SER A 190 -21.45 -2.06 -16.35
C SER A 190 -22.28 -0.92 -16.90
N ALA A 191 -22.59 0.05 -16.04
CA ALA A 191 -23.38 1.19 -16.48
C ALA A 191 -23.30 2.40 -15.57
N ILE A 192 -23.74 3.54 -16.09
CA ILE A 192 -23.75 4.79 -15.36
C ILE A 192 -24.95 5.62 -15.85
N THR A 193 -25.59 6.32 -14.92
CA THR A 193 -26.73 7.18 -15.25
C THR A 193 -26.36 8.62 -14.87
N VAL A 194 -26.30 9.50 -15.87
CA VAL A 194 -25.93 10.89 -15.64
C VAL A 194 -27.12 11.85 -15.57
N PHE A 195 -27.23 12.55 -14.44
CA PHE A 195 -28.31 13.51 -14.23
C PHE A 195 -27.80 14.94 -14.50
N PRO A 196 -28.71 15.93 -14.51
CA PRO A 196 -28.34 17.33 -14.77
C PRO A 196 -27.12 17.90 -14.03
N GLN A 197 -26.26 18.59 -14.78
CA GLN A 197 -25.05 19.21 -14.26
C GLN A 197 -25.39 20.41 -13.35
N ARG A 198 -24.44 20.80 -12.49
CA ARG A 198 -24.64 21.92 -11.57
C ARG A 198 -24.90 23.22 -12.33
N ALA A 199 -25.99 23.90 -11.98
CA ALA A 199 -26.34 25.15 -12.64
C ALA A 199 -26.20 26.34 -11.71
N PRO A 200 -25.85 27.50 -12.28
CA PRO A 200 -25.68 28.73 -11.51
C PRO A 200 -26.97 29.11 -10.80
N GLY A 201 -26.87 29.40 -9.50
CA GLY A 201 -28.04 29.78 -8.72
C GLY A 201 -29.14 28.74 -8.57
N ARG A 202 -28.89 27.54 -9.08
CA ARG A 202 -29.89 26.46 -9.00
C ARG A 202 -29.29 25.24 -8.29
N GLY A 203 -30.04 24.71 -7.32
CA GLY A 203 -29.59 23.56 -6.55
C GLY A 203 -29.11 22.39 -7.38
N ASP A 204 -28.39 21.47 -6.76
CA ASP A 204 -27.85 20.29 -7.44
C ASP A 204 -28.79 19.10 -7.40
N PHE A 205 -28.50 18.11 -8.23
CA PHE A 205 -29.26 16.88 -8.20
C PHE A 205 -28.35 16.02 -7.34
N ARG A 206 -28.85 15.60 -6.19
CA ARG A 206 -28.04 14.79 -5.29
C ARG A 206 -28.69 13.48 -4.88
N ILE A 207 -27.86 12.46 -4.72
CA ILE A 207 -28.34 11.18 -4.24
C ILE A 207 -27.64 11.07 -2.89
N TRP A 208 -28.40 11.29 -1.82
CA TRP A 208 -27.85 11.24 -0.48
C TRP A 208 -27.16 9.91 -0.14
N ASN A 209 -27.76 8.79 -0.50
CA ASN A 209 -27.13 7.50 -0.22
C ASN A 209 -25.70 7.40 -0.80
N SER A 210 -24.86 6.60 -0.17
CA SER A 210 -23.48 6.39 -0.62
C SER A 210 -23.50 5.45 -1.82
N GLN A 211 -24.38 4.45 -1.78
CA GLN A 211 -24.55 3.50 -2.87
C GLN A 211 -26.05 3.39 -3.13
N LEU A 212 -26.42 2.89 -4.31
CA LEU A 212 -27.83 2.73 -4.63
C LEU A 212 -28.43 1.65 -3.74
N VAL A 213 -27.68 0.59 -3.51
CA VAL A 213 -28.12 -0.51 -2.66
C VAL A 213 -27.21 -0.60 -1.43
N ARG A 214 -27.78 -0.34 -0.26
CA ARG A 214 -27.04 -0.36 1.00
C ARG A 214 -27.87 -1.01 2.10
N TYR A 215 -27.21 -1.66 3.06
CA TYR A 215 -27.92 -2.27 4.18
C TYR A 215 -27.97 -1.28 5.34
N ALA A 216 -29.10 -1.27 6.04
CA ALA A 216 -29.30 -0.35 7.16
C ALA A 216 -28.45 -0.65 8.40
N GLY A 217 -28.08 0.42 9.09
CA GLY A 217 -27.32 0.32 10.32
C GLY A 217 -28.16 0.92 11.44
N TYR A 218 -28.71 0.08 12.30
CA TYR A 218 -29.57 0.53 13.40
C TYR A 218 -28.78 0.77 14.70
N ARG A 219 -28.80 2.03 15.14
CA ARG A 219 -28.12 2.45 16.36
C ARG A 219 -28.87 1.85 17.56
N GLN A 220 -28.19 1.04 18.36
CA GLN A 220 -28.83 0.38 19.51
C GLN A 220 -28.76 1.14 20.83
N GLN A 221 -29.44 0.58 21.83
CA GLN A 221 -29.46 1.17 23.16
C GLN A 221 -28.15 0.88 23.86
N ASP A 222 -27.81 -0.41 23.90
CA ASP A 222 -26.56 -0.86 24.53
C ASP A 222 -25.33 -0.30 23.81
N GLY A 223 -25.55 0.65 22.90
CA GLY A 223 -24.45 1.28 22.17
C GLY A 223 -24.02 0.66 20.85
N SER A 224 -24.26 -0.65 20.68
CA SER A 224 -23.87 -1.33 19.46
C SER A 224 -24.66 -0.89 18.22
N VAL A 225 -24.49 -1.64 17.13
CA VAL A 225 -25.17 -1.34 15.87
C VAL A 225 -25.61 -2.63 15.17
N ARG A 226 -26.89 -2.71 14.84
CA ARG A 226 -27.40 -3.88 14.15
C ARG A 226 -27.43 -3.61 12.65
N GLY A 227 -26.73 -4.46 11.91
CA GLY A 227 -26.67 -4.29 10.48
C GLY A 227 -25.28 -3.86 10.07
N ASP A 228 -25.22 -2.85 9.20
CA ASP A 228 -23.95 -2.34 8.71
C ASP A 228 -23.63 -0.99 9.36
N PRO A 229 -22.65 -0.98 10.28
CA PRO A 229 -22.23 0.23 11.00
C PRO A 229 -21.88 1.42 10.12
N ALA A 230 -21.42 1.13 8.91
CA ALA A 230 -21.04 2.18 7.97
C ALA A 230 -22.23 3.04 7.60
N ASN A 231 -23.36 2.39 7.34
CA ASN A 231 -24.59 3.08 6.92
C ASN A 231 -25.47 3.63 8.03
N VAL A 232 -24.90 3.84 9.22
CA VAL A 232 -25.69 4.35 10.33
C VAL A 232 -26.25 5.75 10.10
N GLU A 233 -25.40 6.69 9.73
CA GLU A 233 -25.83 8.08 9.50
C GLU A 233 -26.94 8.19 8.46
N ILE A 234 -26.76 7.55 7.31
CA ILE A 234 -27.78 7.61 6.26
C ILE A 234 -29.04 6.88 6.71
N THR A 235 -28.92 5.93 7.64
CA THR A 235 -30.11 5.23 8.11
C THR A 235 -30.91 6.19 8.98
N GLU A 236 -30.23 6.92 9.84
CA GLU A 236 -30.89 7.88 10.71
C GLU A 236 -31.42 9.05 9.90
N LEU A 237 -30.84 9.31 8.74
CA LEU A 237 -31.30 10.42 7.92
C LEU A 237 -32.54 10.05 7.11
N CYS A 238 -32.78 8.76 6.92
CA CYS A 238 -33.95 8.33 6.17
C CYS A 238 -35.14 8.32 7.12
N ILE A 239 -34.87 7.90 8.35
CA ILE A 239 -35.90 7.84 9.38
C ILE A 239 -36.39 9.26 9.67
N GLN A 240 -35.47 10.20 9.74
CA GLN A 240 -35.86 11.59 9.98
C GLN A 240 -36.76 12.00 8.84
N HIS A 241 -36.53 11.41 7.67
CA HIS A 241 -37.33 11.73 6.49
C HIS A 241 -38.47 10.77 6.24
N GLY A 242 -39.15 10.39 7.32
CA GLY A 242 -40.31 9.53 7.23
C GLY A 242 -40.14 8.08 6.84
N TRP A 243 -38.94 7.53 6.92
CA TRP A 243 -38.82 6.13 6.57
C TRP A 243 -39.23 5.31 7.78
N THR A 244 -39.99 4.27 7.55
CA THR A 244 -40.44 3.40 8.62
C THR A 244 -39.42 2.27 8.66
N PRO A 245 -38.41 2.39 9.54
CA PRO A 245 -37.31 1.44 9.76
C PRO A 245 -37.65 0.05 10.28
N GLY A 246 -36.93 -0.94 9.74
CA GLY A 246 -37.10 -2.33 10.15
C GLY A 246 -36.13 -2.63 11.27
N ASN A 247 -35.69 -3.88 11.42
CA ASN A 247 -34.75 -4.21 12.49
C ASN A 247 -33.89 -5.44 12.28
N GLY A 248 -33.50 -5.70 11.03
CA GLY A 248 -32.65 -6.83 10.76
C GLY A 248 -31.25 -6.32 10.47
N ARG A 249 -30.31 -7.22 10.26
CA ARG A 249 -28.93 -6.83 9.96
C ARG A 249 -28.81 -6.44 8.49
N PHE A 250 -29.61 -7.08 7.64
CA PHE A 250 -29.58 -6.85 6.19
C PHE A 250 -30.82 -6.18 5.60
N ASP A 251 -31.15 -4.99 6.08
CA ASP A 251 -32.33 -4.27 5.55
C ASP A 251 -31.92 -3.27 4.47
N VAL A 252 -32.46 -3.44 3.27
CA VAL A 252 -32.15 -2.54 2.17
C VAL A 252 -32.72 -1.14 2.42
N LEU A 253 -31.83 -0.16 2.48
CA LEU A 253 -32.23 1.22 2.73
C LEU A 253 -33.05 1.84 1.59
N PRO A 254 -33.86 2.85 1.92
CA PRO A 254 -34.67 3.51 0.90
C PRO A 254 -33.81 4.57 0.24
N LEU A 255 -34.22 5.08 -0.91
CA LEU A 255 -33.43 6.09 -1.59
C LEU A 255 -33.84 7.51 -1.22
N LEU A 256 -32.86 8.33 -0.92
CA LEU A 256 -33.10 9.74 -0.60
C LEU A 256 -32.61 10.51 -1.81
N LEU A 257 -33.54 10.80 -2.73
CA LEU A 257 -33.25 11.52 -3.97
C LEU A 257 -33.60 12.99 -3.83
N GLN A 258 -32.73 13.87 -4.32
CA GLN A 258 -32.98 15.29 -4.19
C GLN A 258 -32.83 16.14 -5.46
N ALA A 259 -33.91 16.85 -5.81
CA ALA A 259 -33.91 17.71 -6.99
C ALA A 259 -33.46 19.13 -6.57
N PRO A 260 -33.10 19.98 -7.55
CA PRO A 260 -32.63 21.35 -7.30
C PRO A 260 -33.49 22.25 -6.40
N ASP A 261 -32.90 22.68 -5.29
CA ASP A 261 -33.54 23.57 -4.33
C ASP A 261 -34.71 22.98 -3.57
N GLU A 262 -34.91 21.69 -3.70
CA GLU A 262 -35.97 21.02 -2.98
C GLU A 262 -35.34 20.19 -1.88
N ALA A 263 -36.17 19.78 -0.92
CA ALA A 263 -35.69 18.94 0.16
C ALA A 263 -35.79 17.54 -0.42
N PRO A 264 -34.94 16.61 0.03
CA PRO A 264 -35.04 15.27 -0.55
C PRO A 264 -36.38 14.61 -0.29
N GLU A 265 -36.68 13.61 -1.11
CA GLU A 265 -37.91 12.84 -1.02
C GLU A 265 -37.44 11.43 -0.80
N LEU A 266 -38.30 10.56 -0.31
CA LEU A 266 -37.92 9.18 -0.06
C LEU A 266 -38.56 8.26 -1.08
N PHE A 267 -37.89 7.14 -1.37
CA PHE A 267 -38.38 6.14 -2.31
C PHE A 267 -37.86 4.78 -1.87
N VAL A 268 -38.72 3.76 -1.98
CA VAL A 268 -38.34 2.41 -1.59
C VAL A 268 -38.19 1.53 -2.80
N LEU A 269 -37.08 0.81 -2.85
CA LEU A 269 -36.78 -0.07 -3.97
C LEU A 269 -37.63 -1.33 -3.99
N PRO A 270 -38.26 -1.61 -5.15
CA PRO A 270 -39.09 -2.80 -5.31
C PRO A 270 -38.20 -4.04 -5.09
N PRO A 271 -38.44 -4.79 -4.01
CA PRO A 271 -37.67 -6.00 -3.69
C PRO A 271 -37.30 -6.88 -4.88
N GLU A 272 -38.13 -6.89 -5.91
CA GLU A 272 -37.85 -7.72 -7.07
C GLU A 272 -36.68 -7.18 -7.89
N LEU A 273 -36.44 -5.87 -7.80
CA LEU A 273 -35.35 -5.25 -8.54
C LEU A 273 -34.00 -5.46 -7.87
N VAL A 274 -33.99 -5.48 -6.53
CA VAL A 274 -32.76 -5.65 -5.77
C VAL A 274 -32.32 -7.10 -5.63
N LEU A 275 -31.52 -7.59 -6.58
CA LEU A 275 -31.06 -8.98 -6.51
C LEU A 275 -30.09 -9.18 -5.34
N GLU A 276 -30.32 -10.24 -4.57
CA GLU A 276 -29.50 -10.58 -3.41
C GLU A 276 -29.04 -12.03 -3.41
N VAL A 277 -27.89 -12.29 -2.82
CA VAL A 277 -27.34 -13.63 -2.78
C VAL A 277 -27.09 -14.16 -1.37
N PRO A 278 -27.69 -15.33 -1.04
CA PRO A 278 -27.51 -15.94 0.29
C PRO A 278 -26.12 -16.56 0.26
N LEU A 279 -25.37 -16.41 1.33
CA LEU A 279 -24.01 -16.95 1.37
C LEU A 279 -23.96 -18.33 2.01
N GLU A 280 -23.25 -19.25 1.36
CA GLU A 280 -23.07 -20.62 1.86
C GLU A 280 -21.62 -21.02 1.51
N HIS A 281 -21.13 -22.07 2.14
CA HIS A 281 -19.75 -22.53 1.90
C HIS A 281 -19.78 -23.82 1.10
N PRO A 282 -18.73 -24.06 0.28
CA PRO A 282 -18.68 -25.28 -0.52
C PRO A 282 -18.53 -26.61 0.23
N THR A 283 -17.96 -26.57 1.44
CA THR A 283 -17.78 -27.79 2.22
C THR A 283 -18.14 -27.62 3.70
N LEU A 284 -18.38 -26.40 4.14
CA LEU A 284 -18.76 -26.17 5.53
C LEU A 284 -20.26 -25.89 5.56
N GLU A 285 -21.02 -26.92 5.88
CA GLU A 285 -22.48 -26.84 5.93
C GLU A 285 -23.04 -25.78 6.86
N TRP A 286 -22.39 -25.58 8.00
CA TRP A 286 -22.87 -24.60 8.97
C TRP A 286 -22.82 -23.15 8.51
N PHE A 287 -21.85 -22.82 7.65
CA PHE A 287 -21.72 -21.45 7.18
C PHE A 287 -23.08 -20.96 6.70
N ALA A 288 -23.77 -21.82 5.96
CA ALA A 288 -25.10 -21.48 5.42
C ALA A 288 -26.06 -21.04 6.51
N ALA A 289 -25.95 -21.69 7.66
CA ALA A 289 -26.79 -21.39 8.80
C ALA A 289 -26.61 -19.98 9.37
N LEU A 290 -25.45 -19.40 9.13
CA LEU A 290 -25.15 -18.06 9.63
C LEU A 290 -26.13 -17.01 9.11
N GLY A 291 -26.84 -17.36 8.03
CA GLY A 291 -27.79 -16.43 7.46
C GLY A 291 -27.15 -15.17 6.93
N LEU A 292 -25.97 -15.33 6.32
CA LEU A 292 -25.26 -14.19 5.75
C LEU A 292 -25.69 -14.05 4.28
N ARG A 293 -25.80 -12.80 3.82
CA ARG A 293 -26.21 -12.54 2.44
C ARG A 293 -25.65 -11.18 1.99
N TRP A 294 -25.63 -10.97 0.66
CA TRP A 294 -25.17 -9.69 0.14
C TRP A 294 -25.88 -9.40 -1.18
N TYR A 295 -26.00 -8.11 -1.51
CA TYR A 295 -26.65 -7.71 -2.76
C TYR A 295 -25.62 -7.77 -3.89
N ALA A 296 -26.08 -8.16 -5.08
CA ALA A 296 -25.21 -8.32 -6.25
C ALA A 296 -24.68 -7.04 -6.89
N LEU A 297 -25.47 -5.98 -6.91
CA LEU A 297 -25.05 -4.77 -7.59
C LEU A 297 -24.43 -3.67 -6.72
N PRO A 298 -23.16 -3.35 -6.99
CA PRO A 298 -22.42 -2.30 -6.28
C PRO A 298 -22.64 -1.02 -7.05
N ALA A 299 -23.09 0.05 -6.39
CA ALA A 299 -23.36 1.29 -7.11
C ALA A 299 -23.04 2.62 -6.39
N VAL A 300 -21.78 3.03 -6.41
CA VAL A 300 -21.42 4.29 -5.80
C VAL A 300 -22.32 5.34 -6.40
N SER A 301 -23.06 6.04 -5.56
CA SER A 301 -23.99 7.05 -6.05
C SER A 301 -23.81 8.44 -5.46
N ASN A 302 -22.70 8.64 -4.75
CA ASN A 302 -22.43 9.94 -4.13
C ASN A 302 -21.21 10.64 -4.69
N MET A 303 -20.60 10.04 -5.71
CA MET A 303 -19.42 10.64 -6.30
C MET A 303 -19.77 11.63 -7.40
N LEU A 304 -18.95 12.66 -7.53
CA LEU A 304 -19.16 13.68 -8.54
C LEU A 304 -18.40 13.31 -9.81
N LEU A 305 -19.06 13.43 -10.96
CA LEU A 305 -18.43 13.13 -12.24
C LEU A 305 -18.12 14.48 -12.90
N GLU A 306 -16.85 14.77 -13.07
CA GLU A 306 -16.46 16.04 -13.68
C GLU A 306 -15.90 15.83 -15.08
N ILE A 307 -16.51 16.51 -16.05
CA ILE A 307 -16.09 16.42 -17.44
C ILE A 307 -15.95 17.83 -17.99
N GLY A 308 -14.81 18.09 -18.62
CA GLY A 308 -14.56 19.40 -19.20
C GLY A 308 -14.92 20.58 -18.32
N GLY A 309 -14.83 20.38 -17.00
CA GLY A 309 -15.15 21.45 -16.08
C GLY A 309 -16.59 21.37 -15.58
N LEU A 310 -17.46 20.78 -16.39
CA LEU A 310 -18.85 20.63 -16.01
C LEU A 310 -18.93 19.64 -14.87
N GLU A 311 -19.76 19.93 -13.87
CA GLU A 311 -19.87 19.05 -12.71
C GLU A 311 -21.22 18.39 -12.59
N PHE A 312 -21.21 17.06 -12.65
CA PHE A 312 -22.42 16.27 -12.54
C PHE A 312 -22.50 15.71 -11.12
N SER A 313 -23.17 16.45 -10.23
CA SER A 313 -23.29 16.05 -8.83
C SER A 313 -23.98 14.71 -8.58
N ALA A 314 -24.73 14.20 -9.55
CA ALA A 314 -25.39 12.90 -9.38
C ALA A 314 -25.17 12.08 -10.64
N ALA A 315 -24.41 11.00 -10.52
CA ALA A 315 -24.12 10.15 -11.67
C ALA A 315 -23.70 8.74 -11.23
N PRO A 316 -24.63 8.00 -10.61
CA PRO A 316 -24.38 6.64 -10.13
C PRO A 316 -23.84 5.68 -11.17
N PHE A 317 -22.85 4.88 -10.77
CA PHE A 317 -22.25 3.89 -11.65
C PHE A 317 -22.21 2.54 -10.97
N SER A 318 -22.18 1.50 -11.76
CA SER A 318 -22.12 0.14 -11.24
C SER A 318 -21.42 -0.75 -12.28
N GLY A 319 -20.80 -1.82 -11.79
CA GLY A 319 -20.13 -2.77 -12.66
C GLY A 319 -20.45 -4.09 -12.00
N TRP A 320 -19.46 -4.67 -11.33
CA TRP A 320 -19.68 -5.90 -10.60
C TRP A 320 -18.61 -6.02 -9.54
N TYR A 321 -18.91 -6.77 -8.49
CA TYR A 321 -18.01 -6.98 -7.37
C TYR A 321 -16.79 -7.85 -7.63
N MET A 322 -15.79 -7.63 -6.79
CA MET A 322 -14.59 -8.44 -6.77
C MET A 322 -14.67 -9.10 -5.39
N SER A 323 -14.57 -10.43 -5.38
CA SER A 323 -14.65 -11.23 -4.16
C SER A 323 -14.28 -10.54 -2.83
N THR A 324 -13.08 -9.98 -2.77
CA THR A 324 -12.62 -9.38 -1.53
C THR A 324 -13.42 -8.21 -0.99
N GLU A 325 -14.08 -7.45 -1.85
CA GLU A 325 -14.87 -6.32 -1.37
C GLU A 325 -15.88 -6.78 -0.31
N ILE A 326 -16.50 -7.93 -0.57
CA ILE A 326 -17.51 -8.48 0.31
C ILE A 326 -16.92 -9.41 1.36
N GLY A 327 -16.17 -10.40 0.89
CA GLY A 327 -15.57 -11.38 1.78
C GLY A 327 -14.46 -10.94 2.72
N THR A 328 -13.96 -9.73 2.54
CA THR A 328 -12.90 -9.26 3.42
C THR A 328 -13.21 -7.94 4.10
N ARG A 329 -13.66 -6.95 3.33
CA ARG A 329 -13.92 -5.64 3.93
C ARG A 329 -15.27 -5.56 4.61
N ASN A 330 -16.34 -5.70 3.82
CA ASN A 330 -17.69 -5.65 4.37
C ASN A 330 -17.91 -6.63 5.52
N LEU A 331 -17.58 -7.89 5.31
CA LEU A 331 -17.81 -8.89 6.36
C LEU A 331 -16.75 -9.02 7.46
N CYS A 332 -15.49 -8.73 7.18
CA CYS A 332 -14.48 -8.89 8.21
C CYS A 332 -13.88 -7.62 8.83
N ASP A 333 -14.22 -6.45 8.33
CA ASP A 333 -13.65 -5.26 8.93
C ASP A 333 -14.18 -5.10 10.36
N PRO A 334 -13.31 -4.66 11.29
CA PRO A 334 -13.77 -4.49 12.68
C PRO A 334 -14.96 -3.52 12.81
N HIS A 335 -15.01 -2.53 11.92
CA HIS A 335 -16.08 -1.55 11.96
C HIS A 335 -17.22 -1.83 10.98
N ARG A 336 -17.34 -3.08 10.53
CA ARG A 336 -18.43 -3.43 9.63
C ARG A 336 -19.12 -4.63 10.29
N TYR A 337 -19.45 -5.68 9.53
CA TYR A 337 -20.11 -6.82 10.14
C TYR A 337 -19.23 -7.55 11.16
N ASN A 338 -17.93 -7.36 11.05
CA ASN A 338 -16.98 -7.94 12.01
C ASN A 338 -17.30 -9.40 12.37
N ILE A 339 -17.51 -10.24 11.36
CA ILE A 339 -17.85 -11.65 11.59
C ILE A 339 -16.67 -12.61 11.71
N LEU A 340 -15.45 -12.09 11.68
CA LEU A 340 -14.28 -12.95 11.75
C LEU A 340 -14.35 -13.92 12.95
N GLU A 341 -14.65 -13.40 14.13
CA GLU A 341 -14.72 -14.22 15.33
C GLU A 341 -15.79 -15.31 15.26
N ASP A 342 -17.03 -14.93 14.95
CA ASP A 342 -18.09 -15.92 14.87
C ASP A 342 -17.71 -17.10 13.98
N VAL A 343 -17.14 -16.82 12.81
CA VAL A 343 -16.76 -17.88 11.87
C VAL A 343 -15.59 -18.71 12.39
N ALA A 344 -14.63 -18.05 13.03
CA ALA A 344 -13.47 -18.73 13.58
C ALA A 344 -13.91 -19.76 14.64
N VAL A 345 -14.82 -19.35 15.50
CA VAL A 345 -15.35 -20.25 16.52
C VAL A 345 -16.00 -21.45 15.84
N CYS A 346 -16.82 -21.19 14.82
CA CYS A 346 -17.50 -22.28 14.11
C CYS A 346 -16.52 -23.25 13.45
N MET A 347 -15.31 -22.78 13.13
CA MET A 347 -14.30 -23.63 12.51
C MET A 347 -13.47 -24.33 13.58
N ASP A 348 -13.73 -24.00 14.83
CA ASP A 348 -13.02 -24.59 15.97
C ASP A 348 -11.55 -24.18 15.93
N LEU A 349 -11.30 -22.88 15.88
CA LEU A 349 -9.94 -22.33 15.86
C LEU A 349 -9.63 -21.64 17.19
N ASP A 350 -8.33 -21.55 17.50
CA ASP A 350 -7.87 -20.92 18.73
C ASP A 350 -7.89 -19.40 18.56
N THR A 351 -8.94 -18.76 19.06
CA THR A 351 -9.07 -17.32 18.93
C THR A 351 -8.40 -16.54 20.05
N ARG A 352 -7.73 -17.26 20.95
CA ARG A 352 -7.07 -16.59 22.06
C ARG A 352 -5.57 -16.45 21.84
N THR A 353 -5.15 -16.59 20.58
CA THR A 353 -3.72 -16.46 20.26
C THR A 353 -3.51 -16.17 18.77
N THR A 354 -3.03 -14.97 18.48
CA THR A 354 -2.80 -14.58 17.10
C THR A 354 -1.95 -15.53 16.30
N SER A 355 -0.92 -16.11 16.92
CA SER A 355 -0.01 -17.01 16.20
C SER A 355 -0.64 -18.24 15.57
N SER A 356 -1.95 -18.43 15.75
CA SER A 356 -2.61 -19.57 15.15
C SER A 356 -3.16 -19.21 13.77
N LEU A 357 -3.13 -17.92 13.47
CA LEU A 357 -3.62 -17.36 12.20
C LEU A 357 -5.10 -17.70 12.05
N TRP A 358 -5.82 -17.69 13.17
CA TRP A 358 -7.24 -17.99 13.10
C TRP A 358 -7.96 -16.95 12.28
N LYS A 359 -7.44 -15.72 12.28
CA LYS A 359 -8.06 -14.66 11.49
C LYS A 359 -7.85 -14.94 9.99
N ASP A 360 -6.62 -15.29 9.63
CA ASP A 360 -6.26 -15.58 8.24
C ASP A 360 -7.06 -16.77 7.73
N LYS A 361 -7.16 -17.82 8.55
CA LYS A 361 -7.90 -19.00 8.15
C LYS A 361 -9.38 -18.69 7.88
N ALA A 362 -10.06 -18.09 8.85
CA ALA A 362 -11.47 -17.79 8.69
C ALA A 362 -11.74 -16.84 7.51
N ALA A 363 -10.88 -15.84 7.35
CA ALA A 363 -11.06 -14.90 6.27
C ALA A 363 -11.06 -15.62 4.92
N VAL A 364 -10.07 -16.49 4.72
CA VAL A 364 -9.97 -17.26 3.49
C VAL A 364 -11.26 -17.99 3.21
N GLU A 365 -11.81 -18.64 4.23
CA GLU A 365 -13.07 -19.36 4.06
C GLU A 365 -14.25 -18.44 3.79
N ILE A 366 -14.30 -17.28 4.43
CA ILE A 366 -15.40 -16.34 4.19
C ILE A 366 -15.36 -15.85 2.75
N ASN A 367 -14.16 -15.56 2.26
CA ASN A 367 -13.97 -15.11 0.88
C ASN A 367 -14.37 -16.24 -0.07
N LEU A 368 -13.95 -17.47 0.24
CA LEU A 368 -14.29 -18.61 -0.58
C LEU A 368 -15.81 -18.78 -0.61
N ALA A 369 -16.47 -18.33 0.46
CA ALA A 369 -17.92 -18.43 0.55
C ALA A 369 -18.61 -17.42 -0.36
N VAL A 370 -18.10 -16.18 -0.39
CA VAL A 370 -18.71 -15.16 -1.24
C VAL A 370 -18.59 -15.60 -2.70
N LEU A 371 -17.39 -16.09 -3.06
CA LEU A 371 -17.13 -16.56 -4.42
C LEU A 371 -18.08 -17.69 -4.79
N HIS A 372 -18.09 -18.74 -3.96
CA HIS A 372 -18.96 -19.90 -4.17
C HIS A 372 -20.43 -19.52 -4.33
N SER A 373 -20.94 -18.73 -3.41
CA SER A 373 -22.34 -18.32 -3.43
C SER A 373 -22.77 -17.58 -4.69
N PHE A 374 -21.95 -16.65 -5.18
CA PHE A 374 -22.27 -15.89 -6.39
C PHE A 374 -22.26 -16.78 -7.62
N GLN A 375 -21.25 -17.65 -7.69
CA GLN A 375 -21.11 -18.57 -8.81
C GLN A 375 -22.33 -19.46 -8.83
N LEU A 376 -22.62 -20.04 -7.68
CA LEU A 376 -23.77 -20.93 -7.51
C LEU A 376 -25.04 -20.22 -7.97
N ALA A 377 -25.16 -18.93 -7.64
CA ALA A 377 -26.33 -18.14 -7.99
C ALA A 377 -26.24 -17.40 -9.33
N LYS A 378 -25.44 -17.94 -10.26
CA LYS A 378 -25.28 -17.33 -11.58
C LYS A 378 -25.14 -15.80 -11.56
N VAL A 379 -24.39 -15.24 -10.61
CA VAL A 379 -24.21 -13.79 -10.54
C VAL A 379 -22.75 -13.42 -10.79
N THR A 380 -22.55 -12.38 -11.61
CA THR A 380 -21.20 -11.96 -11.94
C THR A 380 -20.41 -11.54 -10.72
N ILE A 381 -19.18 -12.07 -10.64
CA ILE A 381 -18.26 -11.78 -9.55
C ILE A 381 -16.85 -12.07 -10.05
N VAL A 382 -15.86 -11.35 -9.53
CA VAL A 382 -14.47 -11.62 -9.89
C VAL A 382 -13.61 -11.72 -8.63
N ASP A 383 -12.76 -12.74 -8.56
CA ASP A 383 -11.88 -12.89 -7.42
C ASP A 383 -10.68 -11.95 -7.56
N HIS A 384 -9.98 -11.72 -6.45
CA HIS A 384 -8.83 -10.82 -6.43
C HIS A 384 -7.66 -11.28 -7.31
N HIS A 385 -7.53 -12.58 -7.53
CA HIS A 385 -6.45 -13.07 -8.39
C HIS A 385 -6.73 -12.65 -9.85
N ALA A 386 -7.80 -13.19 -10.41
CA ALA A 386 -8.18 -12.87 -11.77
C ALA A 386 -8.29 -11.36 -11.96
N ALA A 387 -8.84 -10.68 -10.96
CA ALA A 387 -9.03 -9.24 -11.04
C ALA A 387 -7.71 -8.53 -11.24
N THR A 388 -6.76 -8.79 -10.35
CA THR A 388 -5.46 -8.14 -10.45
C THR A 388 -4.66 -8.58 -11.67
N VAL A 389 -4.83 -9.84 -12.08
CA VAL A 389 -4.12 -10.32 -13.27
C VAL A 389 -4.63 -9.49 -14.46
N SER A 390 -5.94 -9.29 -14.53
CA SER A 390 -6.50 -8.52 -15.62
C SER A 390 -6.07 -7.06 -15.54
N PHE A 391 -5.86 -6.55 -14.33
CA PHE A 391 -5.43 -5.17 -14.19
C PHE A 391 -4.03 -5.01 -14.76
N MET A 392 -3.19 -6.01 -14.57
CA MET A 392 -1.82 -5.96 -15.11
C MET A 392 -1.92 -5.84 -16.63
N LYS A 393 -2.88 -6.55 -17.20
CA LYS A 393 -3.08 -6.54 -18.65
C LYS A 393 -3.53 -5.15 -19.06
N HIS A 394 -4.33 -4.55 -18.20
CA HIS A 394 -4.84 -3.21 -18.42
C HIS A 394 -3.69 -2.17 -18.38
N LEU A 395 -2.74 -2.37 -17.47
CA LEU A 395 -1.57 -1.49 -17.34
C LEU A 395 -0.71 -1.55 -18.60
N ASP A 396 -0.51 -2.77 -19.10
CA ASP A 396 0.28 -2.95 -20.31
C ASP A 396 -0.44 -2.29 -21.49
N ASN A 397 -1.76 -2.44 -21.57
CA ASN A 397 -2.51 -1.83 -22.67
C ASN A 397 -2.39 -0.31 -22.63
N GLU A 398 -2.54 0.27 -21.44
CA GLU A 398 -2.47 1.73 -21.29
C GLU A 398 -1.06 2.25 -21.47
N GLN A 399 -0.07 1.42 -21.17
CA GLN A 399 1.30 1.85 -21.33
C GLN A 399 1.41 2.19 -22.81
N LYS A 400 0.94 1.28 -23.65
CA LYS A 400 0.99 1.47 -25.10
C LYS A 400 0.11 2.61 -25.62
N ALA A 401 -1.10 2.76 -25.07
CA ALA A 401 -2.03 3.78 -25.55
C ALA A 401 -1.82 5.20 -25.03
N ARG A 402 -1.42 5.33 -23.77
CA ARG A 402 -1.24 6.65 -23.19
C ARG A 402 0.10 6.92 -22.52
N GLY A 403 0.96 5.90 -22.48
CA GLY A 403 2.26 6.07 -21.89
C GLY A 403 2.24 5.94 -20.38
N GLY A 404 1.21 5.29 -19.86
CA GLY A 404 1.10 5.07 -18.42
C GLY A 404 -0.33 4.89 -17.93
N CYS A 405 -0.48 4.81 -16.61
CA CYS A 405 -1.80 4.66 -16.02
C CYS A 405 -1.80 5.05 -14.56
N PRO A 406 -2.64 6.02 -14.17
CA PRO A 406 -2.72 6.47 -12.77
C PRO A 406 -3.29 5.38 -11.86
N ALA A 407 -2.52 4.95 -10.87
CA ALA A 407 -2.95 3.91 -9.95
C ALA A 407 -2.60 4.17 -8.48
N ASP A 408 -3.52 3.81 -7.60
CA ASP A 408 -3.32 3.97 -6.17
C ASP A 408 -3.02 2.57 -5.64
N TRP A 409 -1.74 2.32 -5.42
CA TRP A 409 -1.26 1.03 -4.95
C TRP A 409 -1.99 0.49 -3.72
N ALA A 410 -2.15 1.32 -2.69
CA ALA A 410 -2.82 0.88 -1.47
C ALA A 410 -4.23 0.38 -1.78
N TRP A 411 -4.85 0.95 -2.80
CA TRP A 411 -6.20 0.56 -3.18
C TRP A 411 -6.24 -0.57 -4.22
N ILE A 412 -5.17 -0.70 -5.00
CA ILE A 412 -5.14 -1.73 -6.01
C ILE A 412 -4.83 -3.10 -5.42
N VAL A 413 -3.90 -3.16 -4.49
CA VAL A 413 -3.55 -4.43 -3.86
C VAL A 413 -4.73 -4.89 -3.00
N PRO A 414 -5.21 -6.14 -3.20
CA PRO A 414 -6.33 -6.69 -2.45
C PRO A 414 -6.09 -6.75 -0.93
N PRO A 415 -7.15 -6.63 -0.13
CA PRO A 415 -7.02 -6.67 1.33
C PRO A 415 -6.55 -8.02 1.93
N ILE A 416 -6.43 -9.06 1.12
CA ILE A 416 -5.90 -10.33 1.59
C ILE A 416 -5.00 -10.88 0.48
N SER A 417 -4.03 -11.71 0.86
CA SER A 417 -3.11 -12.31 -0.10
C SER A 417 -2.42 -11.28 -1.02
N GLY A 418 -2.18 -10.08 -0.49
CA GLY A 418 -1.55 -9.03 -1.26
C GLY A 418 -0.37 -9.40 -2.15
N SER A 419 0.73 -9.87 -1.57
CA SER A 419 1.89 -10.23 -2.37
C SER A 419 1.66 -11.48 -3.23
N LEU A 420 0.52 -12.15 -3.03
CA LEU A 420 0.21 -13.33 -3.83
C LEU A 420 -0.42 -12.90 -5.16
N THR A 421 -0.72 -11.61 -5.30
CA THR A 421 -1.28 -11.10 -6.55
C THR A 421 -0.15 -10.36 -7.29
N PRO A 422 -0.23 -10.31 -8.62
CA PRO A 422 0.83 -9.63 -9.38
C PRO A 422 0.96 -8.13 -9.12
N VAL A 423 -0.14 -7.44 -8.78
CA VAL A 423 -0.08 -6.00 -8.55
C VAL A 423 0.84 -5.55 -7.42
N PHE A 424 0.95 -6.38 -6.39
CA PHE A 424 1.80 -6.06 -5.26
C PHE A 424 3.26 -5.78 -5.70
N HIS A 425 3.71 -6.48 -6.74
CA HIS A 425 5.09 -6.36 -7.22
C HIS A 425 5.27 -5.32 -8.32
N GLN A 426 4.19 -4.61 -8.61
CA GLN A 426 4.21 -3.60 -9.65
C GLN A 426 4.20 -2.20 -9.05
N GLU A 427 5.23 -1.41 -9.30
CA GLU A 427 5.25 -0.05 -8.78
C GLU A 427 4.18 0.71 -9.53
N MET A 428 3.67 1.78 -8.93
CA MET A 428 2.62 2.56 -9.54
C MET A 428 2.81 4.05 -9.29
N VAL A 429 2.36 4.86 -10.24
CA VAL A 429 2.46 6.31 -10.15
C VAL A 429 1.03 6.81 -10.03
N ASN A 430 0.75 7.60 -9.00
CA ASN A 430 -0.59 8.13 -8.83
C ASN A 430 -0.65 9.62 -9.16
N TYR A 431 -1.70 10.02 -9.89
CA TYR A 431 -1.91 11.41 -10.29
C TYR A 431 -3.34 11.61 -10.73
N ILE A 432 -3.74 12.86 -10.86
CA ILE A 432 -5.11 13.19 -11.24
C ILE A 432 -5.32 13.57 -12.70
N LEU A 433 -6.17 12.82 -13.39
CA LEU A 433 -6.50 13.10 -14.78
C LEU A 433 -7.99 13.40 -14.87
N SER A 434 -8.40 14.26 -15.80
CA SER A 434 -9.81 14.58 -15.96
C SER A 434 -10.21 14.30 -17.41
N PRO A 435 -11.46 13.84 -17.64
CA PRO A 435 -12.59 13.57 -16.74
C PRO A 435 -12.20 12.84 -15.46
N ALA A 436 -13.11 12.82 -14.49
CA ALA A 436 -12.82 12.14 -13.23
C ALA A 436 -14.00 11.97 -12.31
N PHE A 437 -13.84 11.09 -11.34
CA PHE A 437 -14.84 10.87 -10.33
C PHE A 437 -14.20 11.43 -9.07
N ARG A 438 -14.78 12.48 -8.51
CA ARG A 438 -14.24 13.12 -7.33
C ARG A 438 -15.19 12.92 -6.18
N TYR A 439 -14.66 12.91 -4.96
CA TYR A 439 -15.49 12.79 -3.78
C TYR A 439 -16.13 14.16 -3.61
N GLN A 440 -17.31 14.22 -2.99
CA GLN A 440 -17.96 15.50 -2.78
C GLN A 440 -18.57 15.50 -1.38
N PRO A 441 -18.70 16.70 -0.79
CA PRO A 441 -19.27 16.84 0.55
C PRO A 441 -20.68 16.30 0.57
N ASP A 442 -21.09 15.70 1.68
CA ASP A 442 -22.46 15.19 1.80
C ASP A 442 -23.40 16.39 1.58
N PRO A 443 -24.52 16.17 0.89
CA PRO A 443 -25.44 17.28 0.67
C PRO A 443 -25.91 17.95 1.95
N TRP A 444 -26.11 17.16 3.01
CA TRP A 444 -26.54 17.69 4.28
C TRP A 444 -25.41 18.37 5.05
N LYS B 31 -0.56 22.22 5.93
CA LYS B 31 0.86 21.98 6.35
C LYS B 31 0.98 20.76 7.25
N PHE B 32 0.34 20.82 8.41
CA PHE B 32 0.36 19.70 9.33
C PHE B 32 -0.74 18.75 8.91
N PRO B 33 -0.36 17.56 8.42
CA PRO B 33 -1.30 16.54 7.95
C PRO B 33 -2.29 16.10 9.01
N ARG B 34 -3.53 15.90 8.58
CA ARG B 34 -4.58 15.42 9.44
C ARG B 34 -4.53 13.92 9.13
N VAL B 35 -4.23 13.11 10.14
CA VAL B 35 -4.14 11.67 9.95
C VAL B 35 -5.24 10.93 10.70
N LYS B 36 -6.00 10.12 9.97
CA LYS B 36 -7.10 9.38 10.56
C LYS B 36 -7.00 7.85 10.48
N ASN B 37 -7.52 7.22 11.52
CA ASN B 37 -7.59 5.78 11.59
C ASN B 37 -9.05 5.51 11.25
N TRP B 38 -9.32 4.65 10.28
CA TRP B 38 -10.69 4.39 9.88
C TRP B 38 -11.38 3.29 10.66
N GLU B 39 -10.72 2.74 11.66
CA GLU B 39 -11.32 1.70 12.47
C GLU B 39 -11.82 2.30 13.78
N LEU B 40 -11.17 3.37 14.21
CA LEU B 40 -11.50 4.03 15.47
C LEU B 40 -11.91 5.49 15.31
N GLY B 41 -12.04 5.94 14.07
CA GLY B 41 -12.43 7.32 13.84
C GLY B 41 -11.54 8.34 14.53
N SER B 42 -10.43 7.88 15.11
CA SER B 42 -9.50 8.76 15.80
C SER B 42 -8.75 9.60 14.76
N ILE B 43 -8.14 10.70 15.20
CA ILE B 43 -7.42 11.58 14.28
C ILE B 43 -6.25 12.31 14.96
N THR B 44 -5.16 12.52 14.22
CA THR B 44 -3.99 13.24 14.75
C THR B 44 -3.41 14.25 13.75
N TYR B 45 -2.46 15.03 14.21
CA TYR B 45 -1.83 16.02 13.34
C TYR B 45 -0.32 15.79 13.33
N ASP B 46 0.20 15.24 12.24
CA ASP B 46 1.63 14.98 12.18
C ASP B 46 2.42 16.26 11.98
N THR B 47 3.07 16.71 13.05
CA THR B 47 3.89 17.92 13.04
C THR B 47 5.38 17.58 13.05
N LEU B 48 5.68 16.28 13.15
CA LEU B 48 7.06 15.83 13.17
C LEU B 48 7.71 15.96 11.81
N CYS B 49 6.92 15.94 10.75
CA CYS B 49 7.47 16.06 9.40
C CYS B 49 8.08 17.42 9.12
N ALA B 50 7.82 18.38 9.99
CA ALA B 50 8.37 19.73 9.81
C ALA B 50 9.88 19.65 9.92
N GLN B 51 10.37 18.71 10.73
CA GLN B 51 11.81 18.55 10.94
C GLN B 51 12.48 17.81 9.78
N SER B 52 11.69 17.39 8.80
CA SER B 52 12.26 16.71 7.64
C SER B 52 13.06 17.69 6.81
N GLN B 53 14.34 17.43 6.62
CA GLN B 53 15.18 18.32 5.83
C GLN B 53 15.62 17.69 4.50
N GLN B 54 15.17 16.47 4.24
CA GLN B 54 15.50 15.77 3.01
C GLN B 54 14.20 15.50 2.26
N ASP B 55 14.26 15.63 0.94
CA ASP B 55 13.10 15.42 0.09
C ASP B 55 12.91 14.00 -0.42
N GLY B 56 11.64 13.58 -0.48
CA GLY B 56 11.30 12.26 -0.97
C GLY B 56 11.11 12.22 -2.48
N PRO B 57 10.33 11.27 -3.01
CA PRO B 57 10.15 11.23 -4.47
C PRO B 57 8.85 11.83 -4.97
N CYS B 58 7.99 12.25 -4.04
CA CYS B 58 6.71 12.81 -4.43
C CYS B 58 6.75 14.30 -4.76
N THR B 59 5.80 14.72 -5.58
CA THR B 59 5.65 16.10 -5.99
C THR B 59 4.15 16.29 -6.02
N PRO B 60 3.66 17.54 -5.93
CA PRO B 60 2.21 17.71 -5.94
C PRO B 60 1.50 17.14 -7.18
N ARG B 61 2.22 16.98 -8.29
CA ARG B 61 1.65 16.46 -9.53
C ARG B 61 1.43 14.95 -9.55
N ARG B 62 2.31 14.19 -8.91
CA ARG B 62 2.15 12.74 -8.88
C ARG B 62 2.87 12.09 -7.70
N CYS B 63 2.23 11.10 -7.12
CA CYS B 63 2.78 10.37 -5.98
C CYS B 63 3.58 9.16 -6.50
N LEU B 64 4.78 8.98 -5.96
CA LEU B 64 5.65 7.86 -6.34
C LEU B 64 5.97 7.07 -5.07
N GLY B 65 5.12 7.22 -4.07
CA GLY B 65 5.35 6.53 -2.81
C GLY B 65 5.44 5.02 -2.87
N SER B 66 4.96 4.41 -3.96
CA SER B 66 4.99 2.96 -4.03
C SER B 66 6.27 2.42 -4.66
N LEU B 67 7.17 3.31 -5.06
CA LEU B 67 8.43 2.90 -5.65
C LEU B 67 9.42 2.48 -4.56
N VAL B 68 10.14 1.39 -4.81
CA VAL B 68 11.10 0.86 -3.86
C VAL B 68 12.37 1.69 -3.71
N LEU B 69 13.01 2.03 -4.83
CA LEU B 69 14.24 2.79 -4.81
C LEU B 69 14.10 4.18 -5.43
N PRO B 70 15.05 5.08 -5.11
CA PRO B 70 15.10 6.46 -5.59
C PRO B 70 16.06 6.71 -6.75
N ARG B 71 17.21 7.29 -6.39
CA ARG B 71 18.35 7.72 -7.22
C ARG B 71 18.52 9.16 -6.77
N LYS B 72 17.52 9.64 -6.02
CA LYS B 72 17.47 11.00 -5.51
C LYS B 72 17.65 11.04 -3.98
N LEU B 73 17.22 9.96 -3.31
CA LEU B 73 17.34 9.82 -1.87
C LEU B 73 18.59 8.97 -1.64
N GLN B 74 19.16 8.48 -2.73
CA GLN B 74 20.35 7.65 -2.70
C GLN B 74 21.49 8.42 -2.03
N THR B 75 22.59 7.71 -1.74
CA THR B 75 23.75 8.35 -1.11
C THR B 75 25.00 8.19 -1.97
N ARG B 76 25.12 9.07 -2.97
CA ARG B 76 26.24 9.11 -3.90
C ARG B 76 27.59 9.11 -3.15
N PRO B 77 28.60 8.43 -3.72
CA PRO B 77 29.92 8.37 -3.08
C PRO B 77 30.52 9.76 -2.84
N SER B 78 31.81 9.81 -2.47
CA SER B 78 32.47 11.09 -2.20
C SER B 78 33.44 11.56 -3.28
N PRO B 79 32.96 12.35 -4.26
CA PRO B 79 33.84 12.86 -5.32
C PRO B 79 34.93 13.71 -4.66
N GLY B 80 34.56 14.32 -3.53
CA GLY B 80 35.45 15.15 -2.77
C GLY B 80 34.79 15.50 -1.45
N PRO B 81 35.30 16.49 -0.71
CA PRO B 81 34.72 16.89 0.58
C PRO B 81 33.42 17.70 0.40
N PRO B 82 32.36 17.32 1.13
CA PRO B 82 31.09 18.06 1.00
C PRO B 82 31.20 19.42 1.68
N PRO B 83 30.61 20.47 1.08
CA PRO B 83 30.68 21.81 1.67
C PRO B 83 30.76 21.76 3.20
N ALA B 84 31.86 22.28 3.74
CA ALA B 84 32.06 22.32 5.19
C ALA B 84 30.81 22.84 5.88
N GLU B 85 30.09 23.73 5.20
CA GLU B 85 28.87 24.32 5.75
C GLU B 85 27.77 23.27 5.89
N GLN B 86 27.64 22.41 4.88
CA GLN B 86 26.63 21.36 4.89
C GLN B 86 26.86 20.38 6.04
N LEU B 87 27.97 19.65 5.96
CA LEU B 87 28.32 18.67 6.98
C LEU B 87 28.22 19.29 8.36
N LEU B 88 28.77 20.50 8.47
CA LEU B 88 28.78 21.24 9.73
C LEU B 88 27.36 21.38 10.27
N SER B 89 26.45 21.78 9.38
CA SER B 89 25.06 21.98 9.76
C SER B 89 24.37 20.68 10.18
N GLN B 90 24.56 19.61 9.42
CA GLN B 90 23.99 18.33 9.77
C GLN B 90 24.55 17.92 11.13
N ALA B 91 25.85 18.14 11.30
CA ALA B 91 26.55 17.80 12.53
C ALA B 91 26.06 18.63 13.71
N ARG B 92 25.88 19.93 13.50
CA ARG B 92 25.40 20.80 14.57
C ARG B 92 24.03 20.36 15.02
N ASP B 93 23.17 20.02 14.06
CA ASP B 93 21.82 19.58 14.37
C ASP B 93 21.83 18.26 15.13
N PHE B 94 22.65 17.31 14.67
CA PHE B 94 22.69 16.03 15.35
C PHE B 94 23.14 16.17 16.78
N ILE B 95 24.21 16.92 17.01
CA ILE B 95 24.72 17.13 18.36
C ILE B 95 23.60 17.71 19.22
N ASN B 96 22.91 18.73 18.70
CA ASN B 96 21.81 19.35 19.44
C ASN B 96 20.82 18.27 19.83
N GLN B 97 20.56 17.35 18.91
CA GLN B 97 19.64 16.25 19.19
C GLN B 97 20.18 15.44 20.36
N TYR B 98 21.43 15.02 20.26
CA TYR B 98 22.03 14.21 21.32
C TYR B 98 21.93 14.83 22.70
N TYR B 99 22.14 16.14 22.80
CA TYR B 99 22.06 16.75 24.10
C TYR B 99 20.65 16.97 24.62
N SER B 100 19.70 17.23 23.73
CA SER B 100 18.32 17.36 24.18
C SER B 100 18.02 15.98 24.74
N SER B 101 18.54 14.98 24.03
CA SER B 101 18.38 13.58 24.37
C SER B 101 18.61 13.35 25.86
N ILE B 102 19.82 13.63 26.31
CA ILE B 102 20.19 13.46 27.70
C ILE B 102 19.85 14.67 28.58
N LYS B 103 18.97 15.54 28.08
CA LYS B 103 18.51 16.72 28.82
C LYS B 103 19.56 17.78 29.17
N ARG B 104 20.81 17.57 28.79
CA ARG B 104 21.85 18.54 29.09
C ARG B 104 22.01 19.59 28.02
N SER B 105 20.89 19.93 27.37
CA SER B 105 20.90 20.94 26.31
C SER B 105 21.27 22.31 26.88
N GLY B 106 22.14 23.03 26.18
CA GLY B 106 22.56 24.33 26.64
C GLY B 106 23.63 24.28 27.70
N SER B 107 23.89 23.09 28.23
CA SER B 107 24.92 22.92 29.25
C SER B 107 26.28 23.38 28.73
N GLN B 108 27.33 23.09 29.49
CA GLN B 108 28.67 23.47 29.05
C GLN B 108 29.18 22.43 28.08
N ALA B 109 29.13 21.17 28.50
CA ALA B 109 29.58 20.05 27.68
C ALA B 109 29.00 20.15 26.26
N HIS B 110 27.73 20.54 26.16
CA HIS B 110 27.06 20.68 24.86
C HIS B 110 27.79 21.71 24.02
N GLU B 111 28.09 22.86 24.61
CA GLU B 111 28.77 23.91 23.87
C GLU B 111 30.18 23.50 23.52
N GLU B 112 30.90 22.93 24.49
CA GLU B 112 32.27 22.49 24.28
C GLU B 112 32.31 21.42 23.20
N ARG B 113 31.25 20.62 23.11
CA ARG B 113 31.17 19.55 22.12
C ARG B 113 30.94 20.14 20.73
N LEU B 114 30.11 21.17 20.65
CA LEU B 114 29.86 21.83 19.37
C LEU B 114 31.19 22.43 18.88
N GLN B 115 31.82 23.22 19.75
CA GLN B 115 33.11 23.84 19.42
C GLN B 115 34.08 22.78 18.88
N GLU B 116 34.12 21.63 19.53
CA GLU B 116 34.97 20.53 19.11
C GLU B 116 34.70 20.19 17.65
N VAL B 117 33.45 19.80 17.38
CA VAL B 117 33.04 19.43 16.05
C VAL B 117 33.36 20.49 15.01
N GLU B 118 33.06 21.75 15.32
CA GLU B 118 33.36 22.82 14.38
C GLU B 118 34.87 22.87 14.17
N ALA B 119 35.61 22.62 15.24
CA ALA B 119 37.06 22.62 15.21
C ALA B 119 37.58 21.52 14.29
N GLU B 120 37.15 20.28 14.54
CA GLU B 120 37.62 19.18 13.72
C GLU B 120 37.29 19.40 12.24
N VAL B 121 36.04 19.77 11.96
CA VAL B 121 35.60 20.03 10.59
C VAL B 121 36.40 21.11 9.89
N ALA B 122 36.50 22.27 10.52
CA ALA B 122 37.23 23.41 9.94
C ALA B 122 38.65 23.06 9.51
N SER B 123 39.29 22.16 10.25
CA SER B 123 40.66 21.75 9.99
C SER B 123 40.84 20.52 9.11
N THR B 124 39.98 19.51 9.27
CA THR B 124 40.12 18.29 8.48
C THR B 124 39.01 18.07 7.46
N GLY B 125 37.98 18.91 7.50
CA GLY B 125 36.87 18.80 6.57
C GLY B 125 35.88 17.74 7.01
N THR B 126 36.12 17.19 8.19
CA THR B 126 35.26 16.16 8.75
C THR B 126 35.53 16.03 10.24
N TYR B 127 34.73 15.23 10.92
CA TYR B 127 34.89 15.04 12.35
C TYR B 127 34.53 13.60 12.70
N HIS B 128 34.49 13.29 13.99
CA HIS B 128 34.14 11.95 14.42
C HIS B 128 33.16 12.02 15.58
N LEU B 129 32.51 10.89 15.86
CA LEU B 129 31.52 10.81 16.91
C LEU B 129 32.01 10.08 18.14
N ARG B 130 31.50 10.48 19.30
CA ARG B 130 31.85 9.82 20.54
C ARG B 130 30.97 8.58 20.59
N GLU B 131 31.50 7.49 21.14
CA GLU B 131 30.76 6.24 21.23
C GLU B 131 29.33 6.41 21.73
N SER B 132 29.14 7.31 22.69
CA SER B 132 27.80 7.52 23.25
C SER B 132 26.88 8.17 22.22
N GLU B 133 27.44 8.96 21.31
CA GLU B 133 26.65 9.62 20.27
C GLU B 133 26.29 8.59 19.21
N LEU B 134 27.25 7.71 18.88
CA LEU B 134 27.04 6.67 17.90
C LEU B 134 25.86 5.80 18.37
N VAL B 135 25.86 5.46 19.66
CA VAL B 135 24.78 4.65 20.21
C VAL B 135 23.45 5.39 20.10
N PHE B 136 23.47 6.70 20.30
CA PHE B 136 22.25 7.49 20.22
C PHE B 136 21.80 7.57 18.75
N GLY B 137 22.76 7.80 17.86
CA GLY B 137 22.47 7.89 16.44
C GLY B 137 21.87 6.64 15.82
N ALA B 138 22.47 5.49 16.08
CA ALA B 138 22.00 4.22 15.55
C ALA B 138 20.56 3.95 15.97
N LYS B 139 20.22 4.29 17.22
CA LYS B 139 18.86 4.12 17.73
C LYS B 139 17.89 5.07 17.04
N GLN B 140 18.32 6.31 16.82
CA GLN B 140 17.45 7.29 16.15
C GLN B 140 17.26 6.84 14.70
N ALA B 141 18.29 6.23 14.13
CA ALA B 141 18.20 5.77 12.75
C ALA B 141 17.11 4.71 12.62
N TRP B 142 17.06 3.79 13.57
CA TRP B 142 16.06 2.72 13.55
C TRP B 142 14.68 3.35 13.77
N ARG B 143 14.61 4.22 14.76
CA ARG B 143 13.37 4.91 15.10
C ARG B 143 12.79 5.65 13.90
N ASN B 144 13.66 6.21 13.06
CA ASN B 144 13.22 6.95 11.88
C ASN B 144 12.93 6.09 10.65
N ALA B 145 13.33 4.83 10.70
CA ALA B 145 13.14 3.90 9.58
C ALA B 145 11.65 3.78 9.21
N PRO B 146 11.23 4.51 8.18
CA PRO B 146 9.82 4.46 7.78
C PRO B 146 9.30 3.08 7.39
N ARG B 147 10.18 2.19 6.91
CA ARG B 147 9.72 0.87 6.47
C ARG B 147 9.79 -0.25 7.49
N CYS B 148 10.21 0.07 8.71
CA CYS B 148 10.34 -0.94 9.78
C CYS B 148 9.09 -1.03 10.66
N VAL B 149 8.48 -2.22 10.72
CA VAL B 149 7.29 -2.42 11.54
C VAL B 149 7.68 -2.80 12.97
N GLY B 150 8.95 -3.11 13.19
CA GLY B 150 9.37 -3.49 14.53
C GLY B 150 9.97 -2.37 15.38
N ARG B 151 9.72 -1.13 15.00
CA ARG B 151 10.26 0.03 15.72
C ARG B 151 9.85 0.22 17.19
N ILE B 152 8.93 -0.59 17.70
CA ILE B 152 8.55 -0.43 19.08
C ILE B 152 9.73 -0.89 19.96
N GLN B 153 10.64 -1.66 19.37
CA GLN B 153 11.82 -2.17 20.08
C GLN B 153 13.00 -1.22 19.94
N TRP B 154 12.78 -0.07 19.30
CA TRP B 154 13.86 0.87 19.03
C TRP B 154 14.80 1.28 20.17
N GLY B 155 14.30 1.30 21.39
CA GLY B 155 15.14 1.69 22.50
C GLY B 155 16.13 0.64 22.98
N LYS B 156 15.83 -0.62 22.69
CA LYS B 156 16.68 -1.71 23.10
C LYS B 156 17.55 -2.13 21.92
N LEU B 157 18.77 -1.63 21.86
CA LEU B 157 19.69 -1.97 20.76
C LEU B 157 21.13 -2.09 21.23
N GLN B 158 21.75 -3.25 20.98
CA GLN B 158 23.14 -3.48 21.35
C GLN B 158 24.05 -2.94 20.23
N VAL B 159 24.72 -1.82 20.50
CA VAL B 159 25.59 -1.18 19.53
C VAL B 159 27.09 -1.51 19.61
N PHE B 160 27.53 -2.47 18.81
CA PHE B 160 28.95 -2.86 18.77
C PHE B 160 29.72 -1.85 17.95
N ASP B 161 30.72 -1.21 18.58
CA ASP B 161 31.53 -0.22 17.90
C ASP B 161 32.71 -0.90 17.20
N ALA B 162 32.73 -0.82 15.86
CA ALA B 162 33.80 -1.44 15.08
C ALA B 162 34.53 -0.41 14.19
N ARG B 163 34.56 0.84 14.64
CA ARG B 163 35.25 1.87 13.88
C ARG B 163 36.75 1.66 14.03
N ASP B 164 37.07 0.71 14.92
CA ASP B 164 38.43 0.30 15.21
C ASP B 164 38.67 -0.97 14.37
N CYS B 165 38.53 -0.83 13.05
CA CYS B 165 38.70 -1.95 12.12
C CYS B 165 39.57 -1.52 10.95
N SER B 166 40.66 -2.25 10.71
CA SER B 166 41.56 -1.90 9.61
C SER B 166 41.60 -2.92 8.48
N SER B 167 41.04 -4.11 8.68
CA SER B 167 41.06 -5.14 7.64
C SER B 167 39.77 -5.94 7.50
N ALA B 168 39.64 -6.60 6.35
CA ALA B 168 38.48 -7.45 6.08
C ALA B 168 38.53 -8.64 7.02
N GLN B 169 39.75 -9.06 7.36
CA GLN B 169 39.95 -10.16 8.27
C GLN B 169 39.27 -9.84 9.58
N GLU B 170 39.33 -8.56 9.95
CA GLU B 170 38.73 -8.07 11.19
C GLU B 170 37.22 -7.98 11.10
N MET B 171 36.73 -7.47 9.98
CA MET B 171 35.29 -7.35 9.80
C MET B 171 34.70 -8.74 10.01
N PHE B 172 35.34 -9.76 9.44
CA PHE B 172 34.84 -11.11 9.60
C PHE B 172 34.69 -11.49 11.07
N THR B 173 35.66 -11.13 11.90
CA THR B 173 35.58 -11.44 13.32
C THR B 173 34.45 -10.64 13.98
N TYR B 174 34.43 -9.33 13.75
CA TYR B 174 33.37 -8.50 14.30
C TYR B 174 32.04 -9.12 13.90
N ILE B 175 31.87 -9.36 12.60
CA ILE B 175 30.63 -9.95 12.11
C ILE B 175 30.31 -11.26 12.79
N CYS B 176 31.32 -12.04 13.13
CA CYS B 176 31.10 -13.32 13.78
C CYS B 176 30.65 -13.10 15.22
N ASN B 177 31.15 -12.05 15.85
CA ASN B 177 30.77 -11.77 17.24
C ASN B 177 29.29 -11.34 17.28
N HIS B 178 28.93 -10.42 16.39
CA HIS B 178 27.56 -9.91 16.27
C HIS B 178 26.60 -11.07 16.08
N ILE B 179 26.86 -11.89 15.07
CA ILE B 179 26.01 -13.03 14.79
C ILE B 179 25.87 -13.93 16.01
N LYS B 180 26.99 -14.21 16.67
CA LYS B 180 26.99 -15.06 17.87
C LYS B 180 26.16 -14.44 18.98
N TYR B 181 26.30 -13.13 19.19
CA TYR B 181 25.55 -12.42 20.23
C TYR B 181 24.08 -12.24 19.88
N ALA B 182 23.83 -11.74 18.69
CA ALA B 182 22.46 -11.50 18.24
C ALA B 182 21.63 -12.77 18.33
N THR B 183 22.20 -13.89 17.89
CA THR B 183 21.49 -15.15 17.89
C THR B 183 21.14 -15.64 19.29
N ASN B 184 22.14 -15.62 20.17
CA ASN B 184 21.94 -16.03 21.56
C ASN B 184 21.20 -17.36 21.67
N ARG B 185 21.61 -18.34 20.87
CA ARG B 185 20.98 -19.66 20.92
C ARG B 185 19.47 -19.66 20.73
N GLY B 186 18.96 -18.75 19.91
CA GLY B 186 17.52 -18.71 19.67
C GLY B 186 16.74 -17.59 20.34
N ASN B 187 17.26 -17.09 21.46
CA ASN B 187 16.61 -15.99 22.16
C ASN B 187 17.21 -14.72 21.58
N LEU B 188 16.84 -14.40 20.34
CA LEU B 188 17.37 -13.25 19.64
C LEU B 188 17.35 -11.91 20.33
N ARG B 189 18.43 -11.16 20.12
CA ARG B 189 18.61 -9.84 20.70
C ARG B 189 19.04 -8.89 19.58
N SER B 190 18.39 -7.75 19.49
CA SER B 190 18.69 -6.76 18.45
C SER B 190 20.08 -6.14 18.57
N ALA B 191 20.76 -5.97 17.44
CA ALA B 191 22.10 -5.39 17.47
C ALA B 191 22.51 -4.81 16.14
N ILE B 192 23.46 -3.87 16.21
CA ILE B 192 24.03 -3.26 15.02
C ILE B 192 25.53 -3.12 15.24
N THR B 193 26.31 -3.33 14.18
CA THR B 193 27.76 -3.20 14.25
C THR B 193 28.16 -2.11 13.27
N VAL B 194 28.78 -1.07 13.77
CA VAL B 194 29.18 0.05 12.94
C VAL B 194 30.66 0.01 12.63
N PHE B 195 30.97 -0.07 11.35
CA PHE B 195 32.33 -0.12 10.87
C PHE B 195 32.73 1.29 10.49
N PRO B 196 34.03 1.50 10.18
CA PRO B 196 34.58 2.81 9.81
C PRO B 196 33.74 3.64 8.87
N GLN B 197 33.51 4.90 9.24
CA GLN B 197 32.75 5.81 8.42
C GLN B 197 33.50 5.99 7.11
N ARG B 198 32.80 6.47 6.09
CA ARG B 198 33.40 6.70 4.79
C ARG B 198 34.38 7.85 4.86
N ALA B 199 35.47 7.76 4.10
CA ALA B 199 36.49 8.80 4.06
C ALA B 199 36.63 9.31 2.62
N PRO B 200 36.49 10.63 2.42
CA PRO B 200 36.61 11.21 1.09
C PRO B 200 37.96 10.87 0.46
N GLY B 201 37.95 10.55 -0.83
CA GLY B 201 39.19 10.20 -1.50
C GLY B 201 39.79 8.89 -1.01
N ARG B 202 38.92 7.99 -0.53
CA ARG B 202 39.35 6.69 -0.03
C ARG B 202 38.20 5.71 -0.31
N GLY B 203 38.54 4.42 -0.41
CA GLY B 203 37.50 3.44 -0.67
C GLY B 203 36.48 3.41 0.46
N ASP B 204 35.67 2.36 0.52
CA ASP B 204 34.66 2.23 1.56
C ASP B 204 34.66 0.83 2.12
N PHE B 205 34.62 0.69 3.44
CA PHE B 205 34.51 -0.66 3.98
C PHE B 205 33.12 -1.01 3.48
N ARG B 206 32.94 -2.24 3.01
CA ARG B 206 31.65 -2.62 2.49
C ARG B 206 31.41 -4.10 2.67
N ILE B 207 30.15 -4.45 2.90
CA ILE B 207 29.78 -5.84 3.01
C ILE B 207 28.98 -6.01 1.72
N TRP B 208 29.54 -6.77 0.78
CA TRP B 208 28.91 -7.01 -0.51
C TRP B 208 27.58 -7.76 -0.40
N ASN B 209 27.50 -8.71 0.53
CA ASN B 209 26.26 -9.45 0.71
C ASN B 209 25.15 -8.49 1.08
N SER B 210 23.91 -8.85 0.76
CA SER B 210 22.77 -8.00 1.08
C SER B 210 22.34 -8.22 2.53
N GLN B 211 22.56 -9.43 3.02
CA GLN B 211 22.25 -9.76 4.42
C GLN B 211 23.47 -10.54 4.91
N LEU B 212 23.67 -10.62 6.22
CA LEU B 212 24.82 -11.37 6.72
C LEU B 212 24.65 -12.85 6.42
N VAL B 213 23.40 -13.30 6.36
CA VAL B 213 23.10 -14.70 6.08
C VAL B 213 22.03 -14.81 4.99
N ARG B 214 22.39 -15.43 3.86
CA ARG B 214 21.46 -15.65 2.76
C ARG B 214 21.84 -16.89 1.96
N TYR B 215 20.84 -17.60 1.44
CA TYR B 215 21.08 -18.81 0.67
C TYR B 215 21.46 -18.52 -0.78
N ALA B 216 22.51 -19.20 -1.26
CA ALA B 216 23.00 -19.03 -2.61
C ALA B 216 21.97 -19.38 -3.67
N GLY B 217 22.12 -18.78 -4.84
CA GLY B 217 21.21 -19.05 -5.94
C GLY B 217 22.07 -19.47 -7.13
N TYR B 218 21.90 -20.71 -7.58
CA TYR B 218 22.70 -21.21 -8.69
C TYR B 218 21.88 -21.32 -9.95
N ARG B 219 22.26 -20.58 -10.97
CA ARG B 219 21.53 -20.63 -12.22
C ARG B 219 21.96 -21.85 -13.03
N GLN B 220 21.06 -22.84 -13.09
CA GLN B 220 21.30 -24.08 -13.81
C GLN B 220 20.80 -23.99 -15.26
N GLN B 221 21.70 -24.30 -16.19
CA GLN B 221 21.46 -24.30 -17.64
C GLN B 221 20.07 -23.83 -18.14
N ASP B 222 19.01 -24.55 -17.75
CA ASP B 222 17.64 -24.22 -18.14
C ASP B 222 17.32 -22.75 -17.90
N GLY B 223 18.29 -22.01 -17.33
CA GLY B 223 18.07 -20.61 -17.04
C GLY B 223 17.37 -20.51 -15.69
N SER B 224 16.74 -21.62 -15.29
CA SER B 224 16.03 -21.68 -14.02
C SER B 224 17.05 -21.53 -12.91
N VAL B 225 16.60 -21.48 -11.67
CA VAL B 225 17.53 -21.34 -10.56
C VAL B 225 17.29 -22.35 -9.45
N ARG B 226 18.38 -22.79 -8.84
CA ARG B 226 18.32 -23.73 -7.73
C ARG B 226 18.73 -22.93 -6.51
N GLY B 227 17.84 -22.87 -5.53
CA GLY B 227 18.12 -22.10 -4.34
C GLY B 227 17.34 -20.80 -4.34
N ASP B 228 17.99 -19.70 -3.95
CA ASP B 228 17.30 -18.41 -3.88
C ASP B 228 17.61 -17.52 -5.06
N PRO B 229 16.64 -17.38 -5.99
CA PRO B 229 16.78 -16.55 -7.19
C PRO B 229 17.24 -15.15 -6.89
N ALA B 230 16.89 -14.67 -5.70
CA ALA B 230 17.26 -13.32 -5.30
C ALA B 230 18.76 -13.15 -5.10
N ASN B 231 19.45 -14.27 -4.88
CA ASN B 231 20.87 -14.18 -4.66
C ASN B 231 21.74 -14.75 -5.76
N VAL B 232 21.26 -14.72 -6.99
CA VAL B 232 22.03 -15.24 -8.10
C VAL B 232 23.33 -14.45 -8.31
N GLU B 233 23.21 -13.13 -8.36
CA GLU B 233 24.37 -12.29 -8.56
C GLU B 233 25.45 -12.44 -7.48
N ILE B 234 25.08 -12.18 -6.22
CA ILE B 234 26.06 -12.28 -5.15
C ILE B 234 26.65 -13.70 -5.10
N THR B 235 25.86 -14.68 -5.52
CA THR B 235 26.35 -16.05 -5.56
C THR B 235 27.42 -16.15 -6.65
N GLU B 236 27.18 -15.52 -7.79
CA GLU B 236 28.14 -15.52 -8.90
C GLU B 236 29.45 -14.92 -8.40
N LEU B 237 29.40 -13.66 -8.00
CA LEU B 237 30.56 -12.93 -7.51
C LEU B 237 31.40 -13.76 -6.55
N CYS B 238 30.74 -14.50 -5.66
CA CYS B 238 31.44 -15.34 -4.71
C CYS B 238 32.27 -16.41 -5.43
N ILE B 239 31.64 -17.09 -6.39
CA ILE B 239 32.32 -18.14 -7.16
C ILE B 239 33.47 -17.52 -7.93
N GLN B 240 33.27 -16.29 -8.39
CA GLN B 240 34.25 -15.54 -9.15
C GLN B 240 35.47 -15.14 -8.30
N HIS B 241 35.32 -15.21 -6.98
CA HIS B 241 36.43 -14.88 -6.09
C HIS B 241 36.99 -16.11 -5.39
N GLY B 242 36.69 -17.29 -5.94
CA GLY B 242 37.22 -18.50 -5.35
C GLY B 242 36.26 -19.46 -4.65
N TRP B 243 35.22 -18.95 -4.00
CA TRP B 243 34.32 -19.86 -3.30
C TRP B 243 33.93 -21.04 -4.19
N THR B 244 33.90 -22.23 -3.61
CA THR B 244 33.51 -23.43 -4.33
C THR B 244 32.07 -23.65 -3.89
N PRO B 245 31.11 -23.31 -4.75
CA PRO B 245 29.69 -23.47 -4.43
C PRO B 245 29.26 -24.88 -4.09
N GLY B 246 28.01 -25.00 -3.70
CA GLY B 246 27.41 -26.28 -3.36
C GLY B 246 26.37 -26.50 -4.43
N ASN B 247 25.45 -27.42 -4.20
CA ASN B 247 24.41 -27.69 -5.19
C ASN B 247 23.06 -27.84 -4.52
N GLY B 248 22.90 -27.25 -3.34
CA GLY B 248 21.63 -27.36 -2.63
C GLY B 248 20.70 -26.18 -2.75
N ARG B 249 19.52 -26.29 -2.15
CA ARG B 249 18.53 -25.21 -2.18
C ARG B 249 18.84 -24.17 -1.10
N PHE B 250 19.46 -24.61 -0.01
CA PHE B 250 19.76 -23.69 1.08
C PHE B 250 21.20 -23.73 1.50
N ASP B 251 22.11 -23.41 0.58
CA ASP B 251 23.53 -23.39 0.91
C ASP B 251 23.87 -22.00 1.43
N VAL B 252 24.22 -21.91 2.71
CA VAL B 252 24.57 -20.62 3.29
C VAL B 252 25.75 -20.02 2.55
N LEU B 253 25.52 -18.81 2.03
CA LEU B 253 26.53 -18.10 1.27
C LEU B 253 27.69 -17.63 2.13
N PRO B 254 28.87 -17.45 1.51
CA PRO B 254 30.03 -16.99 2.25
C PRO B 254 29.96 -15.48 2.20
N LEU B 255 30.69 -14.81 3.08
CA LEU B 255 30.70 -13.35 3.10
C LEU B 255 31.84 -12.82 2.24
N LEU B 256 31.58 -11.70 1.56
CA LEU B 256 32.57 -11.04 0.71
C LEU B 256 32.81 -9.66 1.32
N LEU B 257 33.72 -9.61 2.30
CA LEU B 257 34.05 -8.36 2.97
C LEU B 257 35.10 -7.58 2.20
N GLN B 258 34.89 -6.29 2.06
CA GLN B 258 35.82 -5.44 1.33
C GLN B 258 36.35 -4.27 2.17
N ALA B 259 37.67 -4.14 2.20
CA ALA B 259 38.34 -3.07 2.92
C ALA B 259 38.67 -2.00 1.89
N PRO B 260 38.79 -0.74 2.34
CA PRO B 260 39.09 0.37 1.42
C PRO B 260 40.09 0.07 0.29
N ASP B 261 39.63 0.32 -0.93
CA ASP B 261 40.41 0.13 -2.15
C ASP B 261 41.11 -1.20 -2.32
N GLU B 262 40.52 -2.26 -1.78
CA GLU B 262 41.08 -3.60 -1.89
C GLU B 262 40.00 -4.54 -2.39
N ALA B 263 40.37 -5.48 -3.25
CA ALA B 263 39.42 -6.46 -3.75
C ALA B 263 38.77 -7.16 -2.55
N PRO B 264 37.47 -7.43 -2.63
CA PRO B 264 36.82 -8.10 -1.49
C PRO B 264 37.50 -9.42 -1.16
N GLU B 265 37.40 -9.84 0.09
CA GLU B 265 38.01 -11.09 0.52
C GLU B 265 36.87 -12.04 0.87
N LEU B 266 37.09 -13.34 0.71
CA LEU B 266 36.04 -14.30 0.99
C LEU B 266 36.23 -15.06 2.31
N PHE B 267 35.17 -15.10 3.13
CA PHE B 267 35.23 -15.82 4.41
C PHE B 267 33.99 -16.69 4.56
N VAL B 268 34.19 -17.95 4.93
CA VAL B 268 33.07 -18.84 5.13
C VAL B 268 32.59 -18.74 6.57
N LEU B 269 31.27 -18.80 6.75
CA LEU B 269 30.70 -18.70 8.07
C LEU B 269 30.65 -20.04 8.80
N PRO B 270 31.15 -20.06 10.05
CA PRO B 270 31.16 -21.28 10.86
C PRO B 270 29.75 -21.84 11.08
N PRO B 271 29.44 -23.00 10.48
CA PRO B 271 28.14 -23.69 10.57
C PRO B 271 27.54 -23.71 11.98
N GLU B 272 28.40 -23.87 12.97
CA GLU B 272 27.93 -23.90 14.35
C GLU B 272 27.35 -22.53 14.69
N LEU B 273 27.86 -21.50 14.04
CA LEU B 273 27.43 -20.13 14.26
C LEU B 273 26.08 -19.81 13.61
N VAL B 274 25.87 -20.30 12.39
CA VAL B 274 24.63 -20.05 11.66
C VAL B 274 23.46 -20.93 12.05
N LEU B 275 22.59 -20.37 12.89
CA LEU B 275 21.41 -21.08 13.36
C LEU B 275 20.32 -21.11 12.28
N GLU B 276 19.74 -22.28 12.06
CA GLU B 276 18.70 -22.43 11.06
C GLU B 276 17.52 -23.16 11.66
N VAL B 277 16.34 -22.96 11.08
CA VAL B 277 15.13 -23.59 11.58
C VAL B 277 14.47 -24.48 10.53
N PRO B 278 14.54 -25.81 10.71
CA PRO B 278 13.91 -26.68 9.72
C PRO B 278 12.41 -26.44 9.78
N LEU B 279 11.73 -26.46 8.64
CA LEU B 279 10.30 -26.18 8.61
C LEU B 279 9.39 -27.39 8.52
N GLU B 280 8.43 -27.47 9.44
CA GLU B 280 7.47 -28.54 9.42
C GLU B 280 6.11 -27.95 9.77
N HIS B 281 5.05 -28.71 9.55
CA HIS B 281 3.71 -28.23 9.82
C HIS B 281 3.05 -28.94 11.00
N PRO B 282 2.23 -28.21 11.78
CA PRO B 282 1.54 -28.76 12.94
C PRO B 282 0.65 -29.99 12.70
N THR B 283 -0.26 -29.90 11.75
CA THR B 283 -1.15 -31.02 11.47
C THR B 283 -0.90 -31.78 10.16
N LEU B 284 -0.08 -31.20 9.29
CA LEU B 284 0.24 -31.85 8.02
C LEU B 284 1.62 -32.49 8.05
N GLU B 285 1.65 -33.80 8.31
CA GLU B 285 2.90 -34.55 8.41
C GLU B 285 3.85 -34.42 7.23
N TRP B 286 3.31 -34.31 6.02
CA TRP B 286 4.14 -34.22 4.83
C TRP B 286 4.97 -32.94 4.63
N PHE B 287 4.48 -31.81 5.13
CA PHE B 287 5.21 -30.55 4.95
C PHE B 287 6.70 -30.71 5.23
N ALA B 288 7.04 -31.28 6.40
CA ALA B 288 8.43 -31.47 6.79
C ALA B 288 9.20 -32.18 5.67
N ALA B 289 8.53 -33.08 4.98
CA ALA B 289 9.14 -33.83 3.89
C ALA B 289 9.79 -32.84 2.93
N LEU B 290 9.05 -31.79 2.59
CA LEU B 290 9.53 -30.76 1.68
C LEU B 290 10.95 -30.32 1.99
N GLY B 291 11.40 -30.62 3.21
CA GLY B 291 12.75 -30.27 3.61
C GLY B 291 13.10 -28.81 3.45
N LEU B 292 12.12 -27.93 3.66
CA LEU B 292 12.37 -26.50 3.56
C LEU B 292 12.96 -26.08 4.89
N ARG B 293 13.75 -25.01 4.88
CA ARG B 293 14.37 -24.53 6.09
C ARG B 293 14.67 -23.05 5.92
N TRP B 294 15.03 -22.38 7.00
CA TRP B 294 15.37 -20.96 6.93
C TRP B 294 16.24 -20.59 8.12
N TYR B 295 17.10 -19.60 7.92
CA TYR B 295 17.98 -19.16 8.98
C TYR B 295 17.22 -18.27 9.97
N ALA B 296 17.73 -18.16 11.19
CA ALA B 296 17.06 -17.39 12.23
C ALA B 296 17.39 -15.90 12.31
N LEU B 297 18.55 -15.50 11.80
CA LEU B 297 18.94 -14.09 11.91
C LEU B 297 18.78 -13.19 10.69
N PRO B 298 17.76 -12.30 10.70
CA PRO B 298 17.58 -11.39 9.57
C PRO B 298 18.59 -10.31 9.83
N ALA B 299 19.56 -10.12 8.92
CA ALA B 299 20.58 -9.12 9.15
C ALA B 299 21.00 -8.28 7.95
N VAL B 300 20.12 -7.41 7.48
CA VAL B 300 20.43 -6.54 6.34
C VAL B 300 21.85 -5.99 6.53
N SER B 301 22.66 -6.07 5.48
CA SER B 301 24.04 -5.62 5.61
C SER B 301 24.59 -4.72 4.50
N ASN B 302 23.73 -4.24 3.62
CA ASN B 302 24.19 -3.39 2.53
C ASN B 302 23.63 -1.99 2.60
N MET B 303 22.95 -1.67 3.70
CA MET B 303 22.39 -0.34 3.83
C MET B 303 23.42 0.60 4.44
N LEU B 304 23.15 1.90 4.32
CA LEU B 304 24.06 2.91 4.83
C LEU B 304 23.43 3.68 5.99
N LEU B 305 24.20 3.83 7.06
CA LEU B 305 23.74 4.56 8.23
C LEU B 305 24.34 5.95 8.24
N GLU B 306 23.48 6.96 8.24
CA GLU B 306 23.94 8.33 8.25
C GLU B 306 23.60 9.06 9.55
N ILE B 307 24.63 9.55 10.24
CA ILE B 307 24.43 10.28 11.48
C ILE B 307 25.21 11.59 11.45
N GLY B 308 24.52 12.70 11.74
CA GLY B 308 25.14 14.00 11.74
C GLY B 308 26.03 14.26 10.53
N GLY B 309 25.53 13.86 9.36
CA GLY B 309 26.28 14.07 8.14
C GLY B 309 27.32 13.01 7.87
N LEU B 310 27.72 12.27 8.90
CA LEU B 310 28.69 11.23 8.67
C LEU B 310 27.95 10.07 8.03
N GLU B 311 28.67 9.30 7.22
CA GLU B 311 28.08 8.17 6.54
C GLU B 311 28.82 6.89 6.87
N PHE B 312 28.09 5.89 7.35
CA PHE B 312 28.71 4.61 7.69
C PHE B 312 28.31 3.58 6.64
N SER B 313 29.17 3.41 5.65
CA SER B 313 28.92 2.51 4.52
C SER B 313 28.72 1.04 4.88
N ALA B 314 29.20 0.62 6.05
CA ALA B 314 29.03 -0.77 6.46
C ALA B 314 28.61 -0.83 7.91
N ALA B 315 27.31 -1.03 8.12
CA ALA B 315 26.75 -1.10 9.46
C ALA B 315 25.63 -2.14 9.53
N PRO B 316 25.98 -3.44 9.52
CA PRO B 316 24.93 -4.45 9.58
C PRO B 316 24.13 -4.45 10.88
N PHE B 317 22.83 -4.67 10.76
CA PHE B 317 21.93 -4.69 11.91
C PHE B 317 21.00 -5.89 11.86
N SER B 318 20.55 -6.32 13.05
CA SER B 318 19.63 -7.46 13.13
C SER B 318 18.72 -7.36 14.36
N GLY B 319 17.53 -7.91 14.20
CA GLY B 319 16.54 -7.93 15.26
C GLY B 319 16.03 -9.35 15.25
N TRP B 320 14.87 -9.55 14.63
CA TRP B 320 14.31 -10.88 14.51
C TRP B 320 13.19 -10.86 13.48
N TYR B 321 12.99 -12.00 12.81
CA TYR B 321 11.97 -12.12 11.77
C TYR B 321 10.52 -11.97 12.18
N MET B 322 9.73 -11.49 11.23
CA MET B 322 8.31 -11.41 11.40
C MET B 322 7.95 -12.54 10.45
N SER B 323 7.18 -13.51 10.92
CA SER B 323 6.83 -14.68 10.11
C SER B 323 6.53 -14.51 8.61
N THR B 324 5.81 -13.46 8.21
CA THR B 324 5.48 -13.26 6.79
C THR B 324 6.67 -13.00 5.88
N GLU B 325 7.77 -12.51 6.43
CA GLU B 325 8.94 -12.24 5.60
C GLU B 325 9.43 -13.56 5.00
N ILE B 326 9.35 -14.61 5.80
CA ILE B 326 9.78 -15.93 5.38
C ILE B 326 8.64 -16.70 4.70
N GLY B 327 7.56 -16.90 5.43
CA GLY B 327 6.42 -17.65 4.92
C GLY B 327 5.67 -17.10 3.73
N THR B 328 5.63 -15.78 3.58
CA THR B 328 4.89 -15.22 2.46
C THR B 328 5.80 -14.72 1.35
N ARG B 329 6.70 -13.80 1.65
CA ARG B 329 7.58 -13.26 0.61
C ARG B 329 8.70 -14.18 0.14
N ASN B 330 9.51 -14.68 1.08
CA ASN B 330 10.62 -15.53 0.72
C ASN B 330 10.26 -16.87 0.12
N LEU B 331 9.20 -17.50 0.63
CA LEU B 331 8.82 -18.82 0.16
C LEU B 331 7.74 -18.83 -0.90
N CYS B 332 6.87 -17.83 -0.91
CA CYS B 332 5.79 -17.80 -1.89
C CYS B 332 5.94 -16.83 -3.03
N ASP B 333 6.91 -15.94 -2.97
CA ASP B 333 7.09 -15.00 -4.09
C ASP B 333 7.39 -15.81 -5.35
N PRO B 334 6.78 -15.44 -6.47
CA PRO B 334 7.03 -16.19 -7.71
C PRO B 334 8.47 -16.10 -8.14
N HIS B 335 9.15 -15.01 -7.79
CA HIS B 335 10.55 -14.86 -8.16
C HIS B 335 11.50 -15.25 -7.05
N ARG B 336 10.98 -15.98 -6.06
CA ARG B 336 11.79 -16.47 -4.95
C ARG B 336 11.71 -18.01 -5.00
N TYR B 337 11.56 -18.66 -3.85
CA TYR B 337 11.48 -20.11 -3.84
C TYR B 337 10.19 -20.61 -4.47
N ASN B 338 9.28 -19.68 -4.71
CA ASN B 338 8.00 -19.97 -5.34
C ASN B 338 7.50 -21.41 -5.13
N ILE B 339 7.32 -21.78 -3.86
CA ILE B 339 6.86 -23.12 -3.49
C ILE B 339 5.35 -23.16 -3.34
N LEU B 340 4.69 -22.06 -3.69
CA LEU B 340 3.24 -21.96 -3.55
C LEU B 340 2.43 -23.09 -4.19
N GLU B 341 2.83 -23.52 -5.38
CA GLU B 341 2.11 -24.59 -6.07
C GLU B 341 2.45 -25.99 -5.53
N ASP B 342 3.73 -26.25 -5.30
CA ASP B 342 4.16 -27.55 -4.76
C ASP B 342 3.33 -27.89 -3.53
N VAL B 343 3.12 -26.90 -2.67
CA VAL B 343 2.36 -27.09 -1.44
C VAL B 343 0.88 -27.33 -1.71
N ALA B 344 0.29 -26.50 -2.57
CA ALA B 344 -1.12 -26.66 -2.89
C ALA B 344 -1.38 -28.06 -3.43
N VAL B 345 -0.45 -28.59 -4.21
CA VAL B 345 -0.61 -29.93 -4.78
C VAL B 345 -0.74 -30.93 -3.63
N CYS B 346 0.20 -30.87 -2.70
CA CYS B 346 0.18 -31.77 -1.56
C CYS B 346 -1.11 -31.61 -0.76
N MET B 347 -1.53 -30.36 -0.55
CA MET B 347 -2.76 -30.09 0.18
C MET B 347 -3.95 -30.57 -0.62
N ASP B 348 -3.66 -31.17 -1.78
CA ASP B 348 -4.71 -31.71 -2.65
C ASP B 348 -5.73 -30.61 -3.01
N LEU B 349 -5.22 -29.44 -3.39
CA LEU B 349 -6.09 -28.32 -3.75
C LEU B 349 -6.36 -28.25 -5.24
N ASP B 350 -7.38 -27.49 -5.60
CA ASP B 350 -7.77 -27.32 -7.00
C ASP B 350 -6.94 -26.20 -7.63
N THR B 351 -5.77 -26.58 -8.14
CA THR B 351 -4.84 -25.65 -8.79
C THR B 351 -5.28 -25.29 -10.21
N ARG B 352 -6.51 -25.65 -10.57
CA ARG B 352 -7.01 -25.38 -11.93
C ARG B 352 -7.55 -23.96 -12.09
N THR B 353 -8.33 -23.49 -11.12
CA THR B 353 -8.87 -22.15 -11.20
C THR B 353 -8.38 -21.29 -10.04
N THR B 354 -8.39 -19.97 -10.23
CA THR B 354 -7.95 -19.03 -9.20
C THR B 354 -9.01 -18.93 -8.12
N SER B 355 -10.27 -18.98 -8.53
CA SER B 355 -11.39 -18.86 -7.61
C SER B 355 -11.47 -19.94 -6.52
N SER B 356 -10.64 -20.96 -6.61
CA SER B 356 -10.66 -22.00 -5.59
C SER B 356 -9.86 -21.50 -4.39
N LEU B 357 -9.16 -20.40 -4.62
CA LEU B 357 -8.33 -19.77 -3.61
C LEU B 357 -7.29 -20.73 -3.09
N TRP B 358 -6.73 -21.55 -3.98
CA TRP B 358 -5.72 -22.51 -3.56
C TRP B 358 -4.45 -21.78 -3.09
N LYS B 359 -4.22 -20.61 -3.66
CA LYS B 359 -3.05 -19.81 -3.29
C LYS B 359 -3.23 -19.27 -1.87
N ASP B 360 -4.38 -18.67 -1.62
CA ASP B 360 -4.67 -18.11 -0.30
C ASP B 360 -4.62 -19.19 0.76
N LYS B 361 -5.16 -20.37 0.44
CA LYS B 361 -5.17 -21.48 1.39
C LYS B 361 -3.77 -22.00 1.69
N ALA B 362 -2.96 -22.21 0.65
CA ALA B 362 -1.61 -22.73 0.87
C ALA B 362 -0.68 -21.71 1.51
N ALA B 363 -0.92 -20.43 1.24
CA ALA B 363 -0.08 -19.38 1.79
C ALA B 363 -0.19 -19.37 3.31
N VAL B 364 -1.42 -19.42 3.82
CA VAL B 364 -1.64 -19.41 5.26
C VAL B 364 -1.02 -20.61 5.98
N GLU B 365 -1.02 -21.78 5.34
CA GLU B 365 -0.43 -22.97 5.96
C GLU B 365 1.08 -22.83 6.02
N ILE B 366 1.66 -22.24 4.99
CA ILE B 366 3.10 -22.05 4.95
C ILE B 366 3.53 -21.05 5.99
N ASN B 367 2.72 -20.01 6.22
CA ASN B 367 3.03 -19.02 7.24
C ASN B 367 2.86 -19.69 8.61
N LEU B 368 1.83 -20.51 8.74
CA LEU B 368 1.60 -21.24 9.98
C LEU B 368 2.81 -22.12 10.24
N ALA B 369 3.24 -22.85 9.22
CA ALA B 369 4.39 -23.74 9.35
C ALA B 369 5.63 -22.98 9.85
N VAL B 370 5.88 -21.79 9.31
CA VAL B 370 7.05 -21.02 9.75
C VAL B 370 6.92 -20.68 11.22
N LEU B 371 5.78 -20.11 11.61
CA LEU B 371 5.54 -19.74 13.01
C LEU B 371 5.70 -20.95 13.93
N HIS B 372 5.07 -22.05 13.57
CA HIS B 372 5.12 -23.29 14.35
C HIS B 372 6.55 -23.81 14.57
N SER B 373 7.29 -23.88 13.48
CA SER B 373 8.67 -24.38 13.51
C SER B 373 9.63 -23.53 14.34
N PHE B 374 9.51 -22.21 14.24
CA PHE B 374 10.38 -21.32 15.00
C PHE B 374 10.09 -21.41 16.50
N GLN B 375 8.81 -21.53 16.84
CA GLN B 375 8.40 -21.61 18.23
C GLN B 375 8.86 -22.95 18.79
N LEU B 376 8.90 -23.96 17.94
CA LEU B 376 9.32 -25.30 18.35
C LEU B 376 10.84 -25.36 18.53
N ALA B 377 11.56 -24.62 17.69
CA ALA B 377 13.01 -24.58 17.78
C ALA B 377 13.46 -23.56 18.81
N LYS B 378 12.50 -23.01 19.54
CA LYS B 378 12.76 -21.99 20.56
C LYS B 378 13.63 -20.86 19.98
N VAL B 379 13.14 -20.26 18.91
CA VAL B 379 13.84 -19.16 18.23
C VAL B 379 12.84 -18.00 18.11
N THR B 380 13.32 -16.80 18.37
CA THR B 380 12.44 -15.63 18.32
C THR B 380 11.81 -15.44 16.95
N ILE B 381 10.53 -15.06 16.96
CA ILE B 381 9.73 -14.82 15.75
C ILE B 381 8.48 -14.06 16.20
N VAL B 382 7.95 -13.20 15.33
CA VAL B 382 6.76 -12.43 15.67
C VAL B 382 5.80 -12.50 14.49
N ASP B 383 4.56 -12.98 14.71
CA ASP B 383 3.58 -13.05 13.64
C ASP B 383 3.15 -11.62 13.25
N HIS B 384 2.55 -11.48 12.07
CA HIS B 384 2.13 -10.17 11.57
C HIS B 384 0.99 -9.52 12.35
N HIS B 385 0.20 -10.32 13.05
CA HIS B 385 -0.87 -9.73 13.83
C HIS B 385 -0.25 -9.08 15.05
N ALA B 386 0.46 -9.86 15.84
CA ALA B 386 1.09 -9.32 17.03
C ALA B 386 2.01 -8.18 16.66
N ALA B 387 2.74 -8.32 15.57
CA ALA B 387 3.68 -7.29 15.13
C ALA B 387 3.06 -5.93 14.77
N THR B 388 1.95 -5.96 14.04
CA THR B 388 1.30 -4.71 13.67
C THR B 388 0.59 -4.09 14.88
N VAL B 389 0.21 -4.91 15.85
CA VAL B 389 -0.43 -4.39 17.04
C VAL B 389 0.61 -3.56 17.78
N SER B 390 1.79 -4.12 17.93
CA SER B 390 2.87 -3.42 18.61
C SER B 390 3.24 -2.14 17.86
N PHE B 391 3.08 -2.14 16.54
CA PHE B 391 3.41 -0.95 15.77
C PHE B 391 2.38 0.16 16.06
N MET B 392 1.13 -0.23 16.22
CA MET B 392 0.08 0.73 16.55
C MET B 392 0.48 1.44 17.86
N LYS B 393 0.84 0.65 18.87
CA LYS B 393 1.25 1.20 20.15
C LYS B 393 2.42 2.15 19.93
N HIS B 394 3.38 1.72 19.12
CA HIS B 394 4.55 2.55 18.84
C HIS B 394 4.17 3.92 18.25
N LEU B 395 3.19 3.93 17.34
CA LEU B 395 2.70 5.15 16.71
C LEU B 395 2.16 6.06 17.81
N ASP B 396 1.35 5.46 18.68
CA ASP B 396 0.77 6.17 19.81
C ASP B 396 1.90 6.76 20.63
N ASN B 397 2.78 5.91 21.14
CA ASN B 397 3.92 6.37 21.93
C ASN B 397 4.70 7.48 21.25
N GLU B 398 4.85 7.37 19.92
CA GLU B 398 5.58 8.36 19.15
C GLU B 398 4.74 9.61 18.92
N GLN B 399 3.44 9.46 18.82
CA GLN B 399 2.59 10.61 18.61
C GLN B 399 2.81 11.56 19.78
N LYS B 400 2.87 11.00 20.98
CA LYS B 400 3.08 11.78 22.20
C LYS B 400 4.50 12.30 22.35
N ALA B 401 5.47 11.46 22.02
CA ALA B 401 6.87 11.83 22.16
C ALA B 401 7.43 12.84 21.17
N ARG B 402 7.04 12.75 19.91
CA ARG B 402 7.58 13.68 18.92
C ARG B 402 6.57 14.39 18.04
N GLY B 403 5.30 14.03 18.22
CA GLY B 403 4.26 14.66 17.42
C GLY B 403 4.06 14.02 16.07
N GLY B 404 4.35 12.72 15.98
CA GLY B 404 4.20 11.99 14.72
C GLY B 404 5.21 10.90 14.52
N CYS B 405 5.02 10.12 13.46
CA CYS B 405 5.93 9.02 13.13
C CYS B 405 5.96 8.75 11.64
N PRO B 406 7.15 8.81 11.03
CA PRO B 406 7.25 8.55 9.59
C PRO B 406 7.01 7.06 9.33
N ALA B 407 6.05 6.74 8.48
CA ALA B 407 5.73 5.35 8.18
C ALA B 407 5.35 5.15 6.72
N ASP B 408 5.88 4.09 6.13
CA ASP B 408 5.62 3.73 4.75
C ASP B 408 4.51 2.68 4.76
N TRP B 409 3.29 3.12 4.47
CA TRP B 409 2.11 2.25 4.48
C TRP B 409 2.26 0.95 3.69
N ALA B 410 2.71 1.05 2.43
CA ALA B 410 2.89 -0.11 1.57
C ALA B 410 3.81 -1.18 2.17
N TRP B 411 4.80 -0.76 2.96
CA TRP B 411 5.73 -1.68 3.61
C TRP B 411 5.31 -2.13 5.01
N ILE B 412 4.52 -1.31 5.70
CA ILE B 412 4.07 -1.65 7.06
C ILE B 412 2.95 -2.70 7.06
N VAL B 413 2.09 -2.65 6.04
CA VAL B 413 0.98 -3.61 5.92
C VAL B 413 1.53 -4.94 5.40
N PRO B 414 1.32 -6.03 6.15
CA PRO B 414 1.80 -7.38 5.79
C PRO B 414 1.36 -7.84 4.40
N PRO B 415 2.17 -8.71 3.76
CA PRO B 415 1.90 -9.26 2.43
C PRO B 415 0.68 -10.19 2.29
N ILE B 416 0.04 -10.52 3.41
CA ILE B 416 -1.19 -11.33 3.42
C ILE B 416 -2.07 -10.76 4.52
N SER B 417 -3.37 -11.01 4.45
CA SER B 417 -4.30 -10.56 5.47
C SER B 417 -4.16 -9.08 5.85
N GLY B 418 -3.91 -8.24 4.85
CA GLY B 418 -3.75 -6.83 5.10
C GLY B 418 -4.78 -6.15 5.98
N SER B 419 -6.02 -6.03 5.50
CA SER B 419 -7.06 -5.36 6.29
C SER B 419 -7.38 -6.16 7.54
N LEU B 420 -6.79 -7.34 7.63
CA LEU B 420 -7.01 -8.19 8.78
C LEU B 420 -6.13 -7.71 9.94
N THR B 421 -5.25 -6.75 9.66
CA THR B 421 -4.39 -6.19 10.70
C THR B 421 -4.79 -4.72 10.94
N PRO B 422 -4.48 -4.19 12.13
CA PRO B 422 -4.83 -2.80 12.44
C PRO B 422 -4.19 -1.70 11.60
N VAL B 423 -2.96 -1.92 11.13
CA VAL B 423 -2.29 -0.88 10.37
C VAL B 423 -2.91 -0.63 9.00
N PHE B 424 -3.54 -1.64 8.41
CA PHE B 424 -4.17 -1.45 7.12
C PHE B 424 -5.14 -0.25 7.21
N HIS B 425 -5.80 -0.14 8.34
CA HIS B 425 -6.80 0.91 8.59
C HIS B 425 -6.26 2.23 9.12
N GLN B 426 -4.94 2.34 9.19
CA GLN B 426 -4.31 3.54 9.72
C GLN B 426 -3.66 4.37 8.64
N GLU B 427 -4.02 5.64 8.55
CA GLU B 427 -3.40 6.51 7.57
C GLU B 427 -2.01 6.80 8.11
N MET B 428 -1.06 7.06 7.22
CA MET B 428 0.31 7.33 7.62
C MET B 428 0.95 8.43 6.77
N VAL B 429 1.99 9.04 7.31
CA VAL B 429 2.70 10.12 6.65
C VAL B 429 4.14 9.66 6.50
N ASN B 430 4.68 9.78 5.30
CA ASN B 430 6.05 9.36 5.07
C ASN B 430 6.92 10.59 4.85
N TYR B 431 8.12 10.55 5.42
CA TYR B 431 9.06 11.65 5.27
C TYR B 431 10.42 11.23 5.81
N ILE B 432 11.48 11.82 5.29
CA ILE B 432 12.83 11.45 5.69
C ILE B 432 13.41 12.25 6.86
N LEU B 433 13.82 11.54 7.91
CA LEU B 433 14.45 12.17 9.07
C LEU B 433 15.84 11.55 9.24
N SER B 434 16.74 12.29 9.90
CA SER B 434 18.11 11.83 10.16
C SER B 434 18.29 11.87 11.68
N PRO B 435 19.08 10.95 12.26
CA PRO B 435 19.81 9.83 11.67
C PRO B 435 18.93 8.96 10.77
N ALA B 436 19.54 8.28 9.82
CA ALA B 436 18.76 7.47 8.92
C ALA B 436 19.51 6.35 8.23
N PHE B 437 18.78 5.28 7.93
CA PHE B 437 19.33 4.18 7.17
C PHE B 437 18.87 4.50 5.76
N ARG B 438 19.80 4.51 4.82
CA ARG B 438 19.49 4.79 3.43
C ARG B 438 20.06 3.69 2.56
N TYR B 439 19.55 3.58 1.34
CA TYR B 439 20.04 2.59 0.40
C TYR B 439 21.31 3.15 -0.25
N GLN B 440 22.22 2.28 -0.68
CA GLN B 440 23.43 2.75 -1.33
C GLN B 440 23.80 1.82 -2.50
N PRO B 441 24.42 2.37 -3.55
CA PRO B 441 24.84 1.63 -4.75
C PRO B 441 25.68 0.41 -4.44
N ASP B 442 25.66 -0.58 -5.33
CA ASP B 442 26.46 -1.78 -5.14
C ASP B 442 27.91 -1.47 -5.45
N PRO B 443 28.83 -1.94 -4.61
CA PRO B 443 30.26 -1.69 -4.79
C PRO B 443 30.79 -2.12 -6.15
N TRP B 444 30.36 -3.29 -6.62
CA TRP B 444 30.81 -3.81 -7.91
C TRP B 444 30.02 -3.18 -9.06
ZN ZN C . 3.33 10.37 -2.31
CHA HEM D . -13.25 1.52 -7.11
CHB HEM D . -13.78 -2.99 -8.99
CHC HEM D . -16.44 -1.15 -12.49
CHD HEM D . -15.36 3.38 -11.00
C1A HEM D . -13.24 0.13 -7.31
C2A HEM D . -12.80 -0.83 -6.31
C3A HEM D . -12.84 -2.05 -6.85
C4A HEM D . -13.42 -1.91 -8.17
CMA HEM D . -12.34 -3.33 -6.16
CAA HEM D . -12.49 -0.48 -4.88
CBA HEM D . -13.66 -0.83 -4.00
CGA HEM D . -13.44 -0.40 -2.56
O1A HEM D . -12.31 -0.54 -2.07
O2A HEM D . -14.40 0.10 -1.93
C1B HEM D . -14.33 -2.84 -10.24
C2B HEM D . -14.82 -3.97 -10.99
C3B HEM D . -15.51 -3.46 -12.04
C4B HEM D . -15.53 -2.01 -11.88
CMB HEM D . -14.55 -5.44 -10.69
CAB HEM D . -16.01 -4.29 -13.06
CBB HEM D . -16.95 -4.09 -14.04
C1C HEM D . -16.51 0.24 -12.24
C2C HEM D . -17.29 1.16 -13.06
C3C HEM D . -16.93 2.42 -12.73
C4C HEM D . -15.93 2.29 -11.69
CMC HEM D . -18.24 0.72 -14.17
CAC HEM D . -17.39 3.62 -13.27
CBC HEM D . -17.93 3.84 -14.50
C1D HEM D . -14.58 3.27 -9.88
C2D HEM D . -14.24 4.39 -9.03
C3D HEM D . -13.67 3.85 -7.94
C4D HEM D . -13.70 2.42 -8.09
CMD HEM D . -14.53 5.91 -9.13
CAD HEM D . -13.13 4.59 -6.73
CBD HEM D . -14.25 4.85 -5.74
CGD HEM D . -13.73 5.25 -4.37
O1D HEM D . -12.80 6.07 -4.30
O2D HEM D . -14.27 4.76 -3.37
NA HEM D . -13.63 -0.54 -8.49
NB HEM D . -14.72 -1.62 -10.80
NC HEM D . -15.65 0.94 -11.38
ND HEM D . -14.22 2.07 -9.34
FE HEM D . -14.31 0.23 -10.13
N1 H4B E . -8.02 -0.32 -0.73
C2 H4B E . -9.28 -0.48 -1.23
N2 H4B E . -9.51 -1.11 -2.36
N3 H4B E . -10.30 0.04 -0.51
C4 H4B E . -10.18 0.73 0.70
O4 H4B E . -11.20 1.15 1.26
C4A H4B E . -8.85 0.85 1.16
C8A H4B E . -7.77 0.35 0.45
N5 H4B E . -8.65 1.57 2.41
N8 H4B E . -6.51 0.46 0.88
C6 H4B E . -7.25 2.18 2.56
C7 H4B E . -6.19 1.17 2.14
C9 H4B E . -7.18 2.67 4.02
O9 H4B E . -7.49 1.67 4.98
C10 H4B E . -5.83 3.32 4.39
C11 H4B E . -5.88 3.98 5.73
O10 H4B E . -5.58 4.28 3.38
N NRG F . -16.43 -1.68 -1.69
CA NRG F . -17.85 -1.30 -1.98
CB NRG F . -18.06 -1.13 -3.47
CG NRG F . -17.18 -0.07 -4.05
CD NRG F . -17.39 -0.06 -5.51
NE NRG F . -17.19 -1.42 -5.98
CZ NRG F . -17.29 -1.77 -7.25
NH1 NRG F . -17.63 -0.86 -8.16
NH2 NRG F . -17.04 -3.04 -7.60
C NRG F . -18.73 -2.42 -1.47
O NRG F . -19.98 -2.34 -1.61
OXT NRG F . -18.13 -3.39 -0.94
N1 NRG F . -18.26 -1.27 -9.36
O2 NRG F . -18.97 -0.47 -10.00
O3 NRG F . -18.03 -2.39 -9.81
AS CAD G . -21.22 -22.40 13.73
C1 CAD G . -20.72 -23.07 15.34
C2 CAD G . -22.57 -21.36 14.43
C1 GOL H . -12.50 2.48 5.93
O1 GOL H . -12.32 1.18 6.49
C2 GOL H . -12.78 2.40 4.44
O2 GOL H . -11.99 1.35 3.87
C3 GOL H . -12.42 3.71 3.77
O3 GOL H . -11.02 3.94 3.81
CHA HEM I . 12.46 -3.16 7.71
CHB HEM I . 10.81 -6.03 11.21
CHC HEM I . 14.61 -4.81 13.96
CHD HEM I . 15.94 -1.52 10.69
C1A HEM I . 11.73 -4.12 8.39
C2A HEM I . 10.77 -5.00 7.77
C3A HEM I . 10.27 -5.78 8.79
C4A HEM I . 10.97 -5.42 10.00
CMA HEM I . 9.08 -6.73 8.62
CAA HEM I . 10.41 -5.14 6.27
CBA HEM I . 11.47 -6.11 5.73
CGA HEM I . 11.20 -6.54 4.29
O1A HEM I . 10.03 -6.68 3.90
O2A HEM I . 12.18 -6.77 3.57
C1B HEM I . 11.66 -5.83 12.32
C2B HEM I . 11.59 -6.62 13.54
C3B HEM I . 12.61 -6.30 14.31
C4B HEM I . 13.37 -5.28 13.57
CMB HEM I . 10.50 -7.60 13.91
CAB HEM I . 12.87 -6.89 15.57
CBB HEM I . 13.10 -6.21 16.73
C1C HEM I . 15.31 -3.86 13.28
C2C HEM I . 16.57 -3.31 13.76
C3C HEM I . 16.93 -2.34 12.89
C4C HEM I . 15.92 -2.34 11.84
CMC HEM I . 17.36 -3.80 14.97
CAC HEM I . 18.09 -1.55 12.99
CBC HEM I . 18.63 -1.01 14.14
C1D HEM I . 15.02 -1.59 9.66
C2D HEM I . 15.17 -0.89 8.39
C3D HEM I . 14.25 -1.40 7.53
C4D HEM I . 13.49 -2.37 8.28
CMD HEM I . 16.25 0.16 8.03
CAD HEM I . 14.08 -1.19 6.01
CBD HEM I . 15.16 -1.96 5.26
CGD HEM I . 14.97 -2.03 3.75
O1D HEM I . 14.54 -1.03 3.14
O2D HEM I . 15.28 -3.09 3.18
NA HEM I . 11.90 -4.38 9.78
NB HEM I . 12.74 -4.94 12.35
NC HEM I . 14.89 -3.24 12.09
ND HEM I . 13.95 -2.46 9.62
FE HEM I . 13.17 -3.48 11.07
N1 H4B J . 6.51 -4.32 2.05
C2 H4B J . 7.55 -4.85 2.73
N2 H4B J . 7.55 -5.01 4.05
N3 H4B J . 8.64 -5.24 2.00
C4 H4B J . 8.76 -5.12 0.61
O4 H4B J . 9.78 -5.49 0.05
C4A H4B J . 7.64 -4.54 -0.01
C8A H4B J . 6.53 -4.15 0.67
N5 H4B J . 7.71 -4.38 -1.46
N8 H4B J . 5.47 -3.60 0.07
C6 H4B J . 6.83 -3.27 -1.99
C7 H4B J . 5.45 -3.41 -1.38
C9 H4B J . 6.88 -3.40 -3.52
O9 H4B J . 6.48 -4.68 -3.97
C10 H4B J . 6.02 -2.35 -4.24
C11 H4B J . 6.28 -2.39 -5.71
O10 H4B J . 6.45 -1.11 -3.71
N NRG K . 12.76 -9.35 4.59
CA NRG K . 14.16 -9.85 4.65
CB NRG K . 14.82 -9.33 5.91
CG NRG K . 14.84 -7.83 5.97
CD NRG K . 15.21 -7.38 7.34
NE NRG K . 14.25 -7.91 8.30
CZ NRG K . 14.22 -7.62 9.60
NH1 NRG K . 15.06 -6.75 10.15
NH2 NRG K . 13.32 -8.23 10.36
C NRG K . 14.20 -11.38 4.62
O NRG K . 15.32 -11.95 4.67
OXT NRG K . 13.11 -11.98 4.57
N1 NRG K . 15.61 -6.99 11.48
O2 NRG K . 16.68 -6.51 11.79
O3 NRG K . 14.99 -7.66 12.29
AS CAD L . 2.90 -33.97 -0.76
C1 CAD L . 4.48 -34.46 -1.57
C2 CAD L . 1.84 -34.57 -2.13
C1 GOL M . 11.94 -5.50 -3.02
O1 GOL M . 11.47 -4.16 -2.97
C2 GOL M . 10.80 -6.45 -3.38
O2 GOL M . 10.35 -7.12 -2.20
C3 GOL M . 11.29 -7.47 -4.40
O3 GOL M . 10.26 -8.34 -4.83
#